data_7XKX
#
_entry.id   7XKX
#
_cell.length_a   92.539
_cell.length_b   92.539
_cell.length_c   127.911
_cell.angle_alpha   90.000
_cell.angle_beta   90.000
_cell.angle_gamma   120.000
#
_symmetry.space_group_name_H-M   'P 31'
#
loop_
_entity.id
_entity.type
_entity.pdbx_description
1 polymer 'SQHop_cyclase_C domain-containing protein'
2 water water
#
_entity_poly.entity_id   1
_entity_poly.type   'polypeptide(L)'
_entity_poly.pdbx_seq_one_letter_code
;MGSSHHHHHHSQDPGDENLYFQSMSDADRIAALLKDRAADPVTKFSPSPYETGQFLRISERADVGTPQIDYLLATQRPDG
LWGSVGFELVPTLGAVAGLSSRPEYADRAGVTDAVARACEKLWELALGEGGLPRLPDTVASEIIVPSLIDLLGEVLQRHR
PAAGGKAGHEQEFPSPPGAKPELWRRLSDRIARGQAIPETAWHTLEAFHPLPEQFAATVTPAADGAVTCSPSSTAAWVSA
VGTDAGASTRAYLDEAQSRYGGAIPMGSSMPYFEVLWVLNLVLKYFPDVPIPREIIEEIAAGFSESGIGGGPGLPPDGDD
TAYANLAGDKLGAPTHPEILMKFWAEDHFVSYPGEQTPSETVNAHALEYLNHLRLRRGIAEYGAVEDACAEWVISQQTED
GCWYDKWNVSPYYSTAACVEALLDARKQDEPQLDSLRRAREWLLRHQTDSGGWGMAEPSPEETAYAVMALDLFASRGGKG
AEECAAAISRAKEFFKDESRENPPLWMGKDLYTPFRIVEVTVMCGRAVVSRY
;
_entity_poly.pdbx_strand_id   A,B
#
# COMPACT_ATOMS: atom_id res chain seq x y z
N MET A 24 22.24 37.28 24.48
CA MET A 24 21.80 36.08 25.26
C MET A 24 21.63 34.91 24.31
N SER A 25 22.57 33.97 24.37
CA SER A 25 22.82 32.94 23.32
C SER A 25 22.05 31.65 23.67
N ASP A 26 21.75 30.85 22.64
CA ASP A 26 21.31 29.44 22.80
C ASP A 26 22.47 28.65 23.43
N ALA A 27 23.70 28.90 22.96
CA ALA A 27 24.95 28.32 23.53
C ALA A 27 24.96 28.54 25.04
N ASP A 28 24.82 29.82 25.45
CA ASP A 28 24.71 30.24 26.86
C ASP A 28 23.51 29.52 27.50
N ARG A 29 22.42 29.33 26.76
CA ARG A 29 21.20 28.63 27.25
C ARG A 29 21.54 27.16 27.54
N ILE A 30 22.13 26.45 26.58
CA ILE A 30 22.49 25.00 26.76
C ILE A 30 23.35 24.89 28.02
N ALA A 31 24.34 25.79 28.15
CA ALA A 31 25.26 25.85 29.30
C ALA A 31 24.46 26.10 30.58
N ALA A 32 23.43 26.95 30.50
CA ALA A 32 22.49 27.23 31.61
C ALA A 32 21.62 25.99 31.88
N LEU A 33 21.12 25.34 30.83
CA LEU A 33 20.37 24.07 30.96
C LEU A 33 21.28 23.06 31.68
N LEU A 34 22.54 22.95 31.25
CA LEU A 34 23.46 21.88 31.74
C LEU A 34 23.74 22.09 33.23
N LYS A 35 23.85 23.34 33.66
CA LYS A 35 24.05 23.64 35.10
C LYS A 35 22.79 23.26 35.89
N ASP A 36 21.61 23.59 35.35
CA ASP A 36 20.34 23.33 36.06
C ASP A 36 20.04 21.82 36.07
N ARG A 37 20.42 21.11 35.01
CA ARG A 37 20.26 19.64 34.94
C ARG A 37 21.05 19.02 36.09
N ALA A 38 22.26 19.51 36.31
CA ALA A 38 23.12 18.98 37.40
C ALA A 38 22.55 19.36 38.76
N ALA A 39 21.68 20.37 38.83
CA ALA A 39 21.10 20.83 40.11
C ALA A 39 19.87 19.98 40.44
N ASP A 40 18.94 19.86 39.51
CA ASP A 40 17.73 19.02 39.71
C ASP A 40 17.86 17.77 38.82
N PRO A 41 18.40 16.64 39.33
CA PRO A 41 18.46 15.41 38.54
C PRO A 41 17.08 14.76 38.37
N VAL A 42 16.01 15.47 38.75
CA VAL A 42 14.60 14.99 38.62
C VAL A 42 14.23 15.04 37.14
N THR A 43 13.81 13.89 36.59
CA THR A 43 13.52 13.71 35.15
C THR A 43 12.21 14.42 34.79
N LYS A 44 12.16 14.96 33.57
CA LYS A 44 11.03 15.78 33.08
C LYS A 44 10.41 15.09 31.87
N PHE A 45 9.45 14.19 32.13
CA PHE A 45 8.58 13.55 31.10
C PHE A 45 7.19 14.17 31.21
N SER A 46 6.60 14.49 30.05
CA SER A 46 5.27 15.13 29.92
C SER A 46 4.19 14.26 30.57
N PRO A 47 3.11 14.86 31.10
CA PRO A 47 2.01 14.09 31.63
C PRO A 47 1.32 13.27 30.53
N SER A 48 0.56 12.26 30.97
CA SER A 48 -0.18 11.28 30.13
C SER A 48 -1.57 11.10 30.75
N PRO A 49 -2.63 10.96 29.93
CA PRO A 49 -3.94 10.58 30.45
C PRO A 49 -3.99 9.18 31.07
N TYR A 50 -3.24 8.21 30.52
CA TYR A 50 -3.11 6.84 31.10
C TYR A 50 -2.59 6.92 32.54
N GLU A 51 -1.44 7.59 32.74
CA GLU A 51 -0.72 7.60 34.03
C GLU A 51 -1.51 8.40 35.08
N THR A 52 -2.08 9.54 34.67
CA THR A 52 -3.06 10.32 35.47
C THR A 52 -4.29 9.44 35.75
N GLY A 53 -4.80 8.77 34.71
CA GLY A 53 -5.98 7.88 34.79
C GLY A 53 -5.83 6.76 35.82
N GLN A 54 -4.62 6.18 35.95
CA GLN A 54 -4.34 5.05 36.87
C GLN A 54 -4.07 5.56 38.29
N PHE A 55 -3.33 6.68 38.39
CA PHE A 55 -2.97 7.33 39.67
C PHE A 55 -4.26 7.72 40.41
N LEU A 56 -5.24 8.27 39.69
CA LEU A 56 -6.53 8.73 40.27
C LEU A 56 -7.24 7.54 40.90
N ARG A 57 -7.23 6.41 40.19
CA ARG A 57 -7.87 5.13 40.59
C ARG A 57 -7.19 4.52 41.81
N ILE A 58 -5.90 4.79 42.05
CA ILE A 58 -5.09 3.92 42.95
C ILE A 58 -4.62 4.67 44.21
N SER A 59 -4.12 5.91 44.13
CA SER A 59 -3.69 6.67 45.35
C SER A 59 -4.90 6.94 46.25
N GLU A 60 -4.94 6.28 47.41
CA GLU A 60 -6.20 5.99 48.14
C GLU A 60 -6.57 7.16 49.05
N ARG A 61 -7.76 7.08 49.65
CA ARG A 61 -8.31 8.05 50.63
C ARG A 61 -8.41 9.44 49.98
N ALA A 62 -8.21 9.48 48.65
CA ALA A 62 -8.31 10.74 47.86
C ALA A 62 -7.36 11.79 48.42
N ASP A 63 -6.07 11.44 48.61
CA ASP A 63 -5.09 12.48 49.01
C ASP A 63 -5.35 13.65 48.06
N VAL A 64 -5.63 13.34 46.80
CA VAL A 64 -6.04 14.37 45.79
C VAL A 64 -6.79 13.62 44.69
N GLY A 65 -7.88 14.19 44.16
CA GLY A 65 -8.67 13.56 43.10
C GLY A 65 -9.08 14.53 42.02
N THR A 66 -9.75 15.62 42.39
CA THR A 66 -10.19 16.65 41.40
C THR A 66 -9.02 17.21 40.56
N PRO A 67 -7.80 17.51 41.07
CA PRO A 67 -6.77 18.05 40.18
C PRO A 67 -6.57 17.16 38.94
N GLN A 68 -6.56 15.84 39.10
CA GLN A 68 -6.38 14.88 37.98
C GLN A 68 -7.58 14.96 37.04
N ILE A 69 -8.79 15.10 37.60
CA ILE A 69 -10.07 15.10 36.84
C ILE A 69 -10.07 16.26 35.85
N ASP A 70 -9.82 17.49 36.34
CA ASP A 70 -9.73 18.71 35.52
C ASP A 70 -8.77 18.47 34.34
N TYR A 71 -7.60 17.91 34.62
CA TYR A 71 -6.55 17.67 33.59
C TYR A 71 -7.07 16.65 32.56
N LEU A 72 -7.78 15.60 32.99
CA LEU A 72 -8.27 14.54 32.07
C LEU A 72 -9.30 15.12 31.08
N LEU A 73 -10.19 16.00 31.53
CA LEU A 73 -11.30 16.55 30.70
C LEU A 73 -10.79 17.57 29.66
N ALA A 74 -9.79 18.40 29.99
CA ALA A 74 -9.27 19.45 29.08
C ALA A 74 -8.47 18.81 27.93
N THR A 75 -7.80 17.68 28.17
CA THR A 75 -6.90 17.00 27.20
C THR A 75 -7.66 15.98 26.36
N GLN A 76 -8.87 15.57 26.79
CA GLN A 76 -9.73 14.67 25.98
C GLN A 76 -9.92 15.32 24.61
N ARG A 77 -10.02 14.49 23.57
CA ARG A 77 -10.15 14.97 22.17
C ARG A 77 -11.63 15.19 21.87
N PRO A 78 -11.96 16.15 20.99
CA PRO A 78 -13.32 16.33 20.49
C PRO A 78 -14.07 15.02 20.23
N ASP A 79 -13.42 14.03 19.61
CA ASP A 79 -14.08 12.72 19.30
C ASP A 79 -14.29 11.90 20.59
N GLY A 80 -13.91 12.44 21.76
CA GLY A 80 -14.16 11.82 23.07
C GLY A 80 -13.00 10.96 23.54
N LEU A 81 -12.02 10.70 22.69
CA LEU A 81 -10.86 9.80 22.97
C LEU A 81 -9.71 10.60 23.59
N TRP A 82 -8.69 9.88 24.07
CA TRP A 82 -7.40 10.42 24.57
C TRP A 82 -6.24 9.88 23.71
N GLY A 83 -5.22 10.72 23.51
CA GLY A 83 -3.90 10.33 22.97
C GLY A 83 -3.66 10.83 21.56
N SER A 84 -2.57 10.37 20.96
CA SER A 84 -2.14 10.72 19.59
C SER A 84 -2.70 9.69 18.60
N VAL A 85 -3.01 10.15 17.39
CA VAL A 85 -3.82 9.39 16.39
C VAL A 85 -3.10 8.08 16.06
N GLY A 86 -3.67 6.96 16.49
CA GLY A 86 -3.13 5.59 16.33
C GLY A 86 -2.50 5.06 17.61
N PHE A 87 -2.58 5.80 18.73
CA PHE A 87 -2.06 5.37 20.06
C PHE A 87 -3.07 5.71 21.16
N GLU A 88 -4.37 5.50 20.88
CA GLU A 88 -5.49 6.03 21.68
C GLU A 88 -5.95 5.05 22.77
N LEU A 89 -5.95 3.73 22.49
CA LEU A 89 -6.57 2.73 23.40
C LEU A 89 -6.03 2.88 24.82
N VAL A 90 -4.73 2.62 25.03
CA VAL A 90 -4.12 2.58 26.40
C VAL A 90 -4.45 3.86 27.17
N PRO A 91 -4.23 5.07 26.62
CA PRO A 91 -4.65 6.30 27.30
C PRO A 91 -6.17 6.41 27.52
N THR A 92 -6.99 6.08 26.52
CA THR A 92 -8.47 6.24 26.63
C THR A 92 -9.03 5.31 27.72
N LEU A 93 -8.60 4.05 27.74
CA LEU A 93 -8.93 3.09 28.83
C LEU A 93 -8.42 3.61 30.18
N GLY A 94 -7.21 4.16 30.22
CA GLY A 94 -6.58 4.63 31.46
C GLY A 94 -7.41 5.72 32.12
N ALA A 95 -7.84 6.70 31.33
CA ALA A 95 -8.58 7.90 31.81
C ALA A 95 -9.96 7.48 32.33
N VAL A 96 -10.69 6.71 31.54
CA VAL A 96 -12.09 6.29 31.86
C VAL A 96 -12.07 5.42 33.13
N ALA A 97 -11.05 4.57 33.31
CA ALA A 97 -10.83 3.79 34.55
C ALA A 97 -10.71 4.74 35.73
N GLY A 98 -9.93 5.81 35.56
CA GLY A 98 -9.75 6.87 36.58
C GLY A 98 -11.04 7.59 36.88
N LEU A 99 -11.80 7.95 35.84
CA LEU A 99 -13.05 8.75 35.96
C LEU A 99 -14.24 7.85 36.26
N SER A 100 -14.05 6.54 36.23
CA SER A 100 -15.08 5.54 36.64
C SER A 100 -14.88 5.18 38.11
N SER A 101 -13.63 5.16 38.58
CA SER A 101 -13.30 4.93 40.00
C SER A 101 -13.93 6.04 40.84
N ARG A 102 -14.51 5.68 41.99
CA ARG A 102 -15.12 6.63 42.96
C ARG A 102 -16.08 7.58 42.23
N ASP A 107 -20.34 11.89 39.15
CA ASP A 107 -19.16 12.25 39.99
C ASP A 107 -19.06 13.77 40.07
N ARG A 108 -18.48 14.41 39.04
CA ARG A 108 -18.35 15.89 38.93
C ARG A 108 -18.90 16.33 37.57
N ALA A 109 -18.56 17.55 37.13
CA ALA A 109 -19.11 18.22 35.93
C ALA A 109 -18.47 17.62 34.67
N GLY A 110 -19.29 17.08 33.76
CA GLY A 110 -18.85 16.57 32.46
C GLY A 110 -18.06 15.27 32.55
N VAL A 111 -17.96 14.65 33.73
CA VAL A 111 -17.17 13.40 33.94
C VAL A 111 -17.85 12.25 33.21
N THR A 112 -19.11 11.96 33.52
CA THR A 112 -19.91 10.87 32.89
C THR A 112 -20.10 11.21 31.41
N ASP A 113 -20.35 12.49 31.10
CA ASP A 113 -20.37 13.03 29.71
C ASP A 113 -19.07 12.62 29.01
N ALA A 114 -17.91 12.93 29.60
CA ALA A 114 -16.59 12.40 29.16
C ALA A 114 -16.68 10.87 29.04
N VAL A 115 -17.01 10.19 30.15
CA VAL A 115 -17.01 8.70 30.25
C VAL A 115 -17.99 8.11 29.23
N ALA A 116 -19.12 8.79 28.97
CA ALA A 116 -20.20 8.31 28.08
C ALA A 116 -19.76 8.42 26.62
N ARG A 117 -19.21 9.58 26.25
CA ARG A 117 -18.80 9.92 24.86
C ARG A 117 -17.50 9.18 24.50
N ALA A 118 -16.63 8.96 25.49
CA ALA A 118 -15.38 8.17 25.32
C ALA A 118 -15.73 6.71 24.99
N CYS A 119 -16.68 6.14 25.71
CA CYS A 119 -17.03 4.70 25.60
C CYS A 119 -17.86 4.46 24.34
N GLU A 120 -18.73 5.42 23.99
CA GLU A 120 -19.56 5.39 22.76
C GLU A 120 -18.65 5.37 21.52
N LYS A 121 -17.49 6.03 21.57
CA LYS A 121 -16.54 6.12 20.43
C LYS A 121 -15.58 4.93 20.44
N LEU A 122 -15.57 4.14 21.52
CA LEU A 122 -14.69 2.94 21.64
C LEU A 122 -15.37 1.72 21.02
N TRP A 123 -16.66 1.52 21.30
CA TRP A 123 -17.47 0.43 20.67
C TRP A 123 -17.72 0.75 19.20
N GLU A 124 -17.76 2.03 18.84
CA GLU A 124 -17.87 2.47 17.42
C GLU A 124 -16.75 1.82 16.59
N LEU A 125 -15.55 1.63 17.18
CA LEU A 125 -14.38 1.05 16.45
C LEU A 125 -14.34 -0.46 16.64
N ALA A 126 -14.51 -0.96 17.88
CA ALA A 126 -14.47 -2.41 18.19
C ALA A 126 -15.58 -3.12 17.40
N LEU A 127 -16.56 -2.36 16.92
CA LEU A 127 -17.65 -2.83 16.02
C LEU A 127 -17.54 -2.12 14.67
N GLY A 128 -16.62 -2.58 13.82
CA GLY A 128 -16.37 -1.96 12.50
C GLY A 128 -15.61 -2.90 11.57
N GLU A 129 -14.78 -2.32 10.69
CA GLU A 129 -13.94 -3.08 9.72
C GLU A 129 -12.67 -3.53 10.43
N GLY A 130 -12.47 -4.85 10.55
CA GLY A 130 -11.31 -5.46 11.22
C GLY A 130 -11.38 -5.35 12.74
N GLY A 131 -12.42 -4.70 13.27
CA GLY A 131 -12.57 -4.44 14.72
C GLY A 131 -11.59 -3.39 15.20
N LEU A 132 -10.80 -3.70 16.23
CA LEU A 132 -9.85 -2.76 16.86
C LEU A 132 -8.50 -2.81 16.15
N PRO A 133 -7.89 -1.63 15.86
CA PRO A 133 -6.54 -1.60 15.31
C PRO A 133 -5.56 -2.30 16.27
N ARG A 134 -4.61 -3.04 15.71
CA ARG A 134 -3.55 -3.76 16.46
C ARG A 134 -2.95 -2.82 17.51
N LEU A 135 -2.55 -3.37 18.66
CA LEU A 135 -1.91 -2.60 19.75
C LEU A 135 -0.60 -2.01 19.26
N PRO A 136 -0.39 -0.68 19.40
CA PRO A 136 0.94 -0.12 19.15
C PRO A 136 1.87 -0.83 20.14
N ASP A 137 3.17 -0.85 19.85
CA ASP A 137 4.18 -1.58 20.66
C ASP A 137 4.65 -0.66 21.79
N THR A 138 3.71 0.04 22.41
CA THR A 138 3.95 0.90 23.60
C THR A 138 4.18 -0.05 24.78
N VAL A 139 4.93 0.41 25.78
CA VAL A 139 5.42 -0.48 26.88
C VAL A 139 4.23 -1.18 27.52
N ALA A 140 4.31 -2.51 27.63
CA ALA A 140 3.34 -3.41 28.28
C ALA A 140 1.91 -3.08 27.84
N SER A 141 1.71 -2.75 26.56
CA SER A 141 0.36 -2.74 25.94
C SER A 141 -0.24 -4.14 26.12
N GLU A 142 0.59 -5.18 25.94
CA GLU A 142 0.23 -6.62 26.04
C GLU A 142 -0.55 -6.88 27.34
N ILE A 143 -0.24 -6.15 28.41
CA ILE A 143 -0.84 -6.39 29.76
C ILE A 143 -1.83 -5.27 30.10
N ILE A 144 -1.43 -4.01 29.92
CA ILE A 144 -2.25 -2.84 30.31
C ILE A 144 -3.66 -3.01 29.74
N VAL A 145 -3.75 -3.48 28.50
CA VAL A 145 -5.03 -3.47 27.73
C VAL A 145 -5.97 -4.56 28.23
N PRO A 146 -5.57 -5.86 28.34
CA PRO A 146 -6.46 -6.86 28.93
C PRO A 146 -6.93 -6.49 30.34
N SER A 147 -6.01 -6.09 31.22
CA SER A 147 -6.29 -5.72 32.63
C SER A 147 -7.39 -4.65 32.68
N LEU A 148 -7.24 -3.56 31.93
CA LEU A 148 -8.18 -2.41 32.01
C LEU A 148 -9.55 -2.81 31.46
N ILE A 149 -9.60 -3.71 30.47
CA ILE A 149 -10.90 -4.11 29.83
C ILE A 149 -11.65 -5.09 30.75
N ASP A 150 -10.96 -5.96 31.50
CA ASP A 150 -11.63 -6.81 32.52
C ASP A 150 -12.26 -5.89 33.57
N LEU A 151 -11.44 -5.00 34.15
CA LEU A 151 -11.89 -4.05 35.20
C LEU A 151 -12.97 -3.13 34.63
N LEU A 152 -12.75 -2.58 33.42
CA LEU A 152 -13.66 -1.58 32.79
C LEU A 152 -14.77 -2.27 32.00
N GLY A 153 -14.62 -3.55 31.67
CA GLY A 153 -15.76 -4.36 31.20
C GLY A 153 -16.88 -4.27 32.22
N GLU A 154 -16.57 -4.59 33.48
CA GLU A 154 -17.63 -4.62 34.53
C GLU A 154 -18.09 -3.19 34.77
N VAL A 155 -17.20 -2.22 34.60
CA VAL A 155 -17.59 -0.78 34.72
C VAL A 155 -18.49 -0.39 33.55
N LEU A 156 -18.00 -0.50 32.31
CA LEU A 156 -18.81 -0.03 31.16
C LEU A 156 -19.18 -1.16 30.19
N GLN A 157 -19.66 -2.31 30.67
CA GLN A 157 -20.32 -3.31 29.79
C GLN A 157 -21.58 -2.67 29.20
N ARG A 158 -22.17 -1.72 29.94
CA ARG A 158 -23.22 -0.80 29.43
C ARG A 158 -22.59 0.19 28.45
N HIS A 159 -23.39 1.13 27.91
CA HIS A 159 -23.04 2.04 26.78
C HIS A 159 -22.85 1.21 25.50
N ARG A 160 -23.42 0.01 25.48
CA ARG A 160 -23.38 -0.97 24.37
C ARG A 160 -24.50 -0.58 23.40
N PRO A 161 -24.71 -1.26 22.25
CA PRO A 161 -25.89 -1.05 21.41
C PRO A 161 -27.14 -0.57 22.17
N PHE A 173 -18.03 -6.71 23.72
CA PHE A 173 -16.62 -6.92 24.15
C PHE A 173 -15.68 -6.23 23.17
N PRO A 174 -14.52 -5.73 23.64
CA PRO A 174 -13.40 -5.47 22.75
C PRO A 174 -12.48 -6.69 22.78
N SER A 175 -11.50 -6.75 21.87
CA SER A 175 -10.50 -7.84 21.76
C SER A 175 -9.35 -7.41 20.86
N PRO A 176 -8.37 -6.62 21.38
CA PRO A 176 -7.30 -6.08 20.54
C PRO A 176 -6.41 -7.19 19.99
N PRO A 177 -5.91 -7.06 18.74
CA PRO A 177 -5.16 -8.13 18.09
C PRO A 177 -3.84 -8.46 18.81
N GLY A 178 -3.07 -7.44 19.19
CA GLY A 178 -1.79 -7.61 19.92
C GLY A 178 -1.98 -7.88 21.40
N ALA A 179 -3.22 -7.82 21.90
CA ALA A 179 -3.56 -7.96 23.35
C ALA A 179 -3.45 -9.42 23.77
N LYS A 180 -2.62 -9.68 24.78
CA LYS A 180 -2.30 -11.04 25.30
C LYS A 180 -2.91 -11.22 26.68
N PRO A 181 -4.23 -11.47 26.80
CA PRO A 181 -4.85 -11.70 28.10
C PRO A 181 -4.15 -12.89 28.80
N GLU A 182 -3.86 -13.96 28.06
CA GLU A 182 -3.15 -15.16 28.59
C GLU A 182 -1.96 -14.72 29.43
N LEU A 183 -1.08 -13.87 28.89
CA LEU A 183 0.13 -13.37 29.61
C LEU A 183 -0.34 -12.59 30.85
N TRP A 184 -1.44 -11.84 30.74
CA TRP A 184 -1.96 -10.98 31.84
C TRP A 184 -2.37 -11.87 33.02
N ARG A 185 -3.27 -12.81 32.78
CA ARG A 185 -3.82 -13.73 33.82
C ARG A 185 -2.69 -14.59 34.39
N ARG A 186 -1.67 -14.89 33.59
CA ARG A 186 -0.53 -15.73 34.04
C ARG A 186 0.20 -15.01 35.17
N LEU A 187 0.69 -13.79 34.89
CA LEU A 187 1.42 -12.94 35.86
C LEU A 187 0.53 -12.66 37.08
N SER A 188 -0.77 -12.48 36.84
CA SER A 188 -1.77 -12.20 37.91
C SER A 188 -1.63 -13.25 39.02
N ASP A 189 -1.66 -14.53 38.65
CA ASP A 189 -1.73 -15.64 39.62
C ASP A 189 -0.31 -16.03 40.04
N ARG A 190 0.71 -15.67 39.25
CA ARG A 190 2.12 -15.77 39.70
C ARG A 190 2.27 -14.85 40.91
N ILE A 191 1.72 -13.64 40.82
CA ILE A 191 1.75 -12.61 41.91
C ILE A 191 1.04 -13.17 43.15
N ALA A 192 -0.19 -13.67 43.00
CA ALA A 192 -1.03 -14.16 44.11
C ALA A 192 -0.37 -15.36 44.80
N ARG A 193 0.39 -16.18 44.07
CA ARG A 193 1.10 -17.34 44.65
C ARG A 193 2.38 -16.86 45.36
N GLY A 194 2.67 -15.55 45.26
CA GLY A 194 3.82 -14.92 45.95
C GLY A 194 5.12 -15.28 45.28
N GLN A 195 5.05 -15.80 44.06
CA GLN A 195 6.23 -16.12 43.21
C GLN A 195 6.70 -14.80 42.58
N ALA A 196 8.00 -14.54 42.60
CA ALA A 196 8.56 -13.27 42.08
C ALA A 196 8.13 -13.09 40.63
N ILE A 197 8.05 -11.84 40.19
CA ILE A 197 7.73 -11.45 38.77
C ILE A 197 8.97 -10.77 38.20
N PRO A 198 9.22 -10.82 36.86
CA PRO A 198 10.34 -10.05 36.28
C PRO A 198 10.28 -8.58 36.74
N GLU A 199 11.42 -8.03 37.16
CA GLU A 199 11.50 -6.62 37.62
C GLU A 199 11.07 -5.67 36.50
N THR A 200 10.88 -6.18 35.29
CA THR A 200 10.35 -5.36 34.17
C THR A 200 8.85 -5.09 34.39
N ALA A 201 8.13 -6.03 35.01
CA ALA A 201 6.68 -5.85 35.27
C ALA A 201 6.47 -4.96 36.50
N TRP A 202 7.49 -4.83 37.35
CA TRP A 202 7.45 -3.85 38.47
C TRP A 202 7.18 -2.45 37.93
N HIS A 203 7.45 -2.26 36.62
CA HIS A 203 7.19 -0.97 35.92
C HIS A 203 5.68 -0.75 35.77
N THR A 204 4.90 -1.83 35.72
CA THR A 204 3.44 -1.77 35.43
C THR A 204 2.66 -2.63 36.43
N LEU A 205 2.92 -2.46 37.72
CA LEU A 205 2.15 -3.14 38.81
C LEU A 205 0.68 -2.69 38.77
N GLU A 206 0.41 -1.45 38.38
CA GLU A 206 -0.96 -0.88 38.27
C GLU A 206 -1.85 -1.71 37.34
N ALA A 207 -1.29 -2.62 36.53
CA ALA A 207 -2.06 -3.63 35.77
C ALA A 207 -2.65 -4.66 36.73
N PHE A 208 -2.01 -4.88 37.88
CA PHE A 208 -2.51 -5.84 38.91
C PHE A 208 -3.12 -4.94 39.99
N HIS A 209 -4.35 -4.47 39.73
CA HIS A 209 -5.01 -3.46 40.60
C HIS A 209 -5.08 -3.86 42.08
N PRO A 210 -5.82 -4.89 42.54
CA PRO A 210 -5.77 -5.26 43.94
C PRO A 210 -4.47 -6.05 44.15
N LEU A 211 -3.42 -5.35 44.58
CA LEU A 211 -2.10 -6.00 44.77
C LEU A 211 -2.07 -6.66 46.14
N PRO A 212 -1.84 -7.97 46.25
CA PRO A 212 -1.70 -8.63 47.55
C PRO A 212 -0.44 -8.15 48.29
N GLU A 213 -0.51 -8.09 49.63
CA GLU A 213 0.55 -7.52 50.50
C GLU A 213 1.80 -8.40 50.48
N GLN A 214 1.62 -9.73 50.50
CA GLN A 214 2.74 -10.71 50.54
C GLN A 214 3.60 -10.56 49.29
N PHE A 215 3.03 -10.07 48.18
CA PHE A 215 3.77 -9.78 46.92
C PHE A 215 4.37 -8.36 46.97
N ALA A 216 3.64 -7.38 47.51
CA ALA A 216 4.10 -5.99 47.67
C ALA A 216 5.39 -5.97 48.51
N ALA A 217 5.52 -6.90 49.45
CA ALA A 217 6.71 -7.07 50.33
C ALA A 217 7.93 -7.54 49.52
N THR A 218 7.73 -8.18 48.36
CA THR A 218 8.82 -8.50 47.40
C THR A 218 9.42 -7.20 46.86
N VAL A 219 8.60 -6.15 46.72
CA VAL A 219 8.99 -4.91 45.98
C VAL A 219 9.84 -4.02 46.88
N THR A 220 10.88 -3.43 46.29
CA THR A 220 11.64 -2.30 46.87
C THR A 220 11.69 -1.20 45.82
N PRO A 221 11.34 0.06 46.17
CA PRO A 221 11.44 1.17 45.24
C PRO A 221 12.90 1.64 45.17
N ALA A 222 13.23 2.47 44.17
CA ALA A 222 14.59 3.01 43.98
C ALA A 222 14.93 4.00 45.10
N ALA A 223 16.13 4.56 45.05
CA ALA A 223 16.69 5.52 46.04
C ALA A 223 16.04 6.90 45.88
N ASP A 224 15.02 7.02 45.03
CA ASP A 224 14.35 8.33 44.77
C ASP A 224 12.87 8.21 45.12
N GLY A 225 12.43 7.02 45.50
CA GLY A 225 11.03 6.78 45.92
C GLY A 225 10.21 6.15 44.82
N ALA A 226 10.80 5.88 43.67
CA ALA A 226 10.00 5.35 42.54
C ALA A 226 10.10 3.84 42.43
N VAL A 227 8.98 3.18 42.17
CA VAL A 227 9.08 1.73 41.89
C VAL A 227 9.25 1.60 40.38
N THR A 228 10.44 1.17 39.97
CA THR A 228 10.78 0.98 38.53
C THR A 228 10.20 2.10 37.65
N CYS A 229 10.62 3.35 37.86
CA CYS A 229 10.34 4.48 36.93
C CYS A 229 8.88 4.81 36.54
N SER A 230 7.89 4.59 37.41
CA SER A 230 6.46 4.84 37.06
C SER A 230 5.61 5.25 38.27
N PRO A 231 5.15 6.53 38.33
CA PRO A 231 4.37 7.01 39.47
C PRO A 231 3.15 6.16 39.81
N SER A 232 2.44 5.65 38.79
CA SER A 232 1.19 4.88 38.96
C SER A 232 1.49 3.45 39.45
N SER A 233 2.67 2.90 39.17
CA SER A 233 3.10 1.58 39.67
C SER A 233 3.51 1.72 41.15
N THR A 234 4.22 2.80 41.46
CA THR A 234 4.58 3.21 42.84
C THR A 234 3.31 3.36 43.67
N ALA A 235 2.29 4.04 43.12
CA ALA A 235 0.95 4.20 43.72
C ALA A 235 0.38 2.83 44.09
N ALA A 236 0.34 1.89 43.15
CA ALA A 236 -0.20 0.53 43.36
C ALA A 236 0.53 -0.15 44.53
N TRP A 237 1.86 -0.07 44.54
CA TRP A 237 2.71 -0.57 45.66
C TRP A 237 2.23 0.04 46.99
N VAL A 238 2.13 1.37 47.06
CA VAL A 238 1.82 2.14 48.31
C VAL A 238 0.41 1.78 48.80
N SER A 239 -0.58 1.82 47.92
CA SER A 239 -2.01 1.53 48.26
C SER A 239 -2.14 0.12 48.86
N ALA A 240 -1.19 -0.78 48.57
CA ALA A 240 -1.12 -2.15 49.12
C ALA A 240 0.05 -2.22 50.12
N GLY A 246 8.65 5.22 54.03
CA GLY A 246 7.72 5.86 53.07
C GLY A 246 8.09 7.30 52.75
N ALA A 247 9.13 7.86 53.39
CA ALA A 247 9.51 9.28 53.23
C ALA A 247 9.91 9.58 51.77
N SER A 248 10.98 8.94 51.29
CA SER A 248 11.48 9.05 49.89
C SER A 248 10.33 8.95 48.88
N THR A 249 9.44 7.98 49.08
CA THR A 249 8.33 7.66 48.14
C THR A 249 7.26 8.77 48.20
N ARG A 250 6.97 9.31 49.38
CA ARG A 250 5.92 10.36 49.45
C ARG A 250 6.46 11.62 48.77
N ALA A 251 7.66 12.08 49.15
CA ALA A 251 8.34 13.22 48.49
C ALA A 251 8.26 13.06 46.97
N TYR A 252 8.60 11.86 46.47
CA TYR A 252 8.52 11.53 45.02
C TYR A 252 7.09 11.72 44.51
N LEU A 253 6.11 11.23 45.26
CA LEU A 253 4.71 11.32 44.75
C LEU A 253 4.21 12.74 44.99
N ASP A 254 4.70 13.44 46.01
CA ASP A 254 4.35 14.87 46.24
C ASP A 254 4.74 15.65 44.99
N GLU A 255 6.02 15.57 44.64
CA GLU A 255 6.54 16.25 43.43
C GLU A 255 5.77 15.80 42.17
N ALA A 256 5.43 14.53 42.06
CA ALA A 256 4.81 14.05 40.81
C ALA A 256 3.35 14.50 40.70
N GLN A 257 2.69 14.76 41.82
CA GLN A 257 1.30 15.26 41.76
C GLN A 257 1.30 16.80 41.79
N SER A 258 2.48 17.39 41.99
CA SER A 258 2.58 18.88 42.01
C SER A 258 3.18 19.50 40.74
N ARG A 259 4.22 18.93 40.15
CA ARG A 259 4.90 19.58 39.00
C ARG A 259 3.91 20.28 38.08
N TYR A 260 2.78 19.66 37.75
CA TYR A 260 1.85 20.25 36.76
C TYR A 260 0.45 20.47 37.28
N GLY A 261 0.23 20.54 38.59
CA GLY A 261 -1.14 20.81 39.02
C GLY A 261 -2.06 19.61 39.10
N GLY A 262 -1.50 18.39 39.07
CA GLY A 262 -2.30 17.17 39.22
C GLY A 262 -2.00 16.19 38.11
N ALA A 263 -1.70 16.71 36.91
CA ALA A 263 -1.41 15.85 35.75
C ALA A 263 -0.15 15.06 36.10
N ILE A 264 -0.16 13.76 35.84
CA ILE A 264 0.93 12.84 36.32
C ILE A 264 1.90 12.63 35.18
N PRO A 265 3.19 12.99 35.40
CA PRO A 265 4.27 12.61 34.51
C PRO A 265 4.18 11.15 34.07
N MET A 266 4.19 10.93 32.76
CA MET A 266 4.30 9.60 32.14
C MET A 266 5.74 9.09 32.36
N GLY A 267 5.95 8.40 33.49
CA GLY A 267 7.26 7.82 33.84
C GLY A 267 8.10 8.80 34.61
N SER A 268 9.18 8.32 35.21
CA SER A 268 10.12 9.10 36.05
C SER A 268 11.44 8.36 36.14
N SER A 269 12.35 8.83 36.99
CA SER A 269 13.60 8.11 37.35
C SER A 269 14.38 7.58 36.15
N MET A 270 14.87 8.48 35.34
CA MET A 270 15.64 8.08 34.13
C MET A 270 16.65 9.17 33.80
N PRO A 271 17.54 9.52 34.75
CA PRO A 271 18.46 10.65 34.57
C PRO A 271 19.62 10.32 33.61
N TYR A 272 19.93 9.04 33.40
CA TYR A 272 21.06 8.63 32.54
C TYR A 272 20.64 8.83 31.08
N PHE A 273 19.50 8.25 30.70
CA PHE A 273 18.85 8.43 29.38
C PHE A 273 18.85 9.92 28.98
N GLU A 274 18.23 10.77 29.79
CA GLU A 274 18.01 12.21 29.44
C GLU A 274 19.33 13.00 29.54
N VAL A 275 20.30 12.49 30.30
CA VAL A 275 21.68 13.06 30.38
C VAL A 275 22.48 12.67 29.11
N LEU A 276 22.52 11.39 28.77
CA LEU A 276 23.36 10.91 27.64
C LEU A 276 22.85 11.48 26.31
N TRP A 277 21.53 11.61 26.14
CA TRP A 277 20.95 12.11 24.86
C TRP A 277 21.21 13.61 24.74
N VAL A 278 21.16 14.34 25.86
CA VAL A 278 21.40 15.81 25.86
C VAL A 278 22.89 16.02 25.53
N LEU A 279 23.78 15.34 26.27
CA LEU A 279 25.25 15.49 26.17
C LEU A 279 25.75 15.05 24.80
N ASN A 280 25.12 14.05 24.19
CA ASN A 280 25.55 13.49 22.88
C ASN A 280 25.06 14.38 21.74
N LEU A 281 24.23 15.39 22.03
CA LEU A 281 23.83 16.46 21.07
C LEU A 281 24.59 17.77 21.37
N VAL A 282 25.00 17.99 22.62
CA VAL A 282 25.87 19.16 22.96
C VAL A 282 27.24 18.96 22.29
N LEU A 283 27.67 17.70 22.14
CA LEU A 283 29.05 17.34 21.72
C LEU A 283 29.23 17.44 20.20
N LYS A 284 28.13 17.54 19.45
CA LYS A 284 28.11 17.55 17.96
C LYS A 284 27.82 18.97 17.45
N TYR A 285 26.96 19.71 18.16
CA TYR A 285 26.41 21.02 17.71
C TYR A 285 26.79 22.15 18.65
N PHE A 286 27.37 21.84 19.81
CA PHE A 286 27.82 22.88 20.77
C PHE A 286 29.16 22.47 21.39
N PRO A 287 30.22 22.32 20.58
CA PRO A 287 31.57 22.31 21.14
C PRO A 287 31.80 23.74 21.62
N ASP A 288 32.64 23.92 22.64
CA ASP A 288 32.99 25.23 23.25
C ASP A 288 31.83 25.69 24.13
N VAL A 289 30.95 24.77 24.52
CA VAL A 289 30.06 24.94 25.70
C VAL A 289 30.58 24.01 26.78
N PRO A 290 30.81 24.52 28.01
CA PRO A 290 31.54 23.78 29.03
C PRO A 290 30.59 22.87 29.79
N ILE A 291 30.88 21.57 29.80
CA ILE A 291 30.01 20.52 30.40
C ILE A 291 30.27 20.49 31.89
N PRO A 292 29.22 20.51 32.75
CA PRO A 292 29.39 20.23 34.17
C PRO A 292 30.10 18.90 34.40
N ARG A 293 31.20 18.93 35.16
CA ARG A 293 31.91 17.73 35.68
C ARG A 293 30.88 16.85 36.38
N GLU A 294 30.13 17.44 37.32
CA GLU A 294 29.15 16.72 38.18
C GLU A 294 28.22 15.84 37.33
N ILE A 295 27.98 16.22 36.07
CA ILE A 295 27.16 15.39 35.12
C ILE A 295 28.03 14.22 34.62
N ILE A 296 29.30 14.48 34.31
CA ILE A 296 30.28 13.44 33.87
C ILE A 296 30.31 12.33 34.93
N GLU A 297 30.62 12.70 36.18
CA GLU A 297 30.74 11.78 37.34
C GLU A 297 29.42 11.02 37.54
N GLU A 298 28.28 11.68 37.29
CA GLU A 298 26.94 11.06 37.44
C GLU A 298 26.85 9.85 36.51
N ILE A 299 27.14 10.01 35.20
CA ILE A 299 27.22 8.88 34.23
C ILE A 299 28.20 7.83 34.80
N ALA A 300 29.41 8.25 35.18
CA ALA A 300 30.49 7.35 35.67
C ALA A 300 29.99 6.52 36.86
N ALA A 301 29.08 7.07 37.67
CA ALA A 301 28.50 6.41 38.87
C ALA A 301 27.64 5.23 38.44
N GLY A 302 26.78 5.44 37.44
CA GLY A 302 25.77 4.47 36.98
C GLY A 302 26.35 3.45 36.02
N PHE A 303 27.41 3.81 35.29
CA PHE A 303 28.15 2.87 34.41
C PHE A 303 28.83 1.83 35.31
N SER A 304 28.70 0.56 34.94
CA SER A 304 29.17 -0.61 35.74
C SER A 304 29.74 -1.68 34.80
N GLU A 305 30.12 -2.81 35.40
CA GLU A 305 30.65 -4.00 34.69
C GLU A 305 29.81 -4.25 33.43
N SER A 306 28.49 -4.38 33.58
CA SER A 306 27.52 -4.79 32.53
C SER A 306 26.96 -3.58 31.78
N GLY A 307 27.45 -2.37 32.08
CA GLY A 307 27.16 -1.14 31.32
C GLY A 307 26.40 -0.10 32.13
N ILE A 308 25.42 0.57 31.51
CA ILE A 308 24.54 1.59 32.17
C ILE A 308 23.12 1.47 31.61
N GLY A 309 22.12 1.65 32.48
CA GLY A 309 20.68 1.69 32.10
C GLY A 309 20.19 3.11 31.87
N GLY A 310 18.93 3.26 31.45
CA GLY A 310 18.28 4.57 31.31
C GLY A 310 18.33 5.32 32.63
N GLY A 311 18.23 4.57 33.72
CA GLY A 311 18.33 5.08 35.10
C GLY A 311 18.57 3.94 36.09
N PRO A 312 18.88 4.27 37.35
CA PRO A 312 18.95 3.25 38.41
C PRO A 312 17.55 2.64 38.60
N GLY A 313 17.47 1.34 38.87
CA GLY A 313 16.21 0.60 38.97
C GLY A 313 15.86 -0.07 37.65
N LEU A 314 16.55 0.32 36.58
CA LEU A 314 16.52 -0.34 35.25
C LEU A 314 17.80 -1.17 35.08
N PRO A 315 17.72 -2.32 34.40
CA PRO A 315 18.92 -3.10 34.10
C PRO A 315 19.73 -2.36 33.04
N PRO A 316 20.99 -2.78 32.78
CA PRO A 316 21.76 -2.21 31.68
C PRO A 316 21.08 -2.44 30.34
N ASP A 317 21.21 -1.49 29.41
CA ASP A 317 20.64 -1.59 28.05
C ASP A 317 21.69 -1.14 27.04
N GLY A 318 21.58 -1.63 25.80
CA GLY A 318 22.54 -1.37 24.70
C GLY A 318 22.51 0.07 24.24
N ASP A 319 21.34 0.72 24.32
CA ASP A 319 21.16 2.11 23.82
C ASP A 319 22.03 3.06 24.64
N ASP A 320 21.87 3.03 25.97
CA ASP A 320 22.58 3.92 26.93
C ASP A 320 24.04 3.51 27.05
N THR A 321 24.34 2.21 27.02
CA THR A 321 25.76 1.75 27.05
C THR A 321 26.43 2.23 25.77
N ALA A 322 25.78 2.10 24.61
CA ALA A 322 26.32 2.56 23.30
C ALA A 322 26.21 4.08 23.16
N TYR A 323 25.75 4.82 24.18
CA TYR A 323 25.81 6.30 24.18
C TYR A 323 26.67 6.84 25.34
N ALA A 324 26.74 6.13 26.46
CA ALA A 324 27.72 6.43 27.53
C ALA A 324 29.12 6.37 26.91
N ASN A 325 29.47 5.22 26.34
CA ASN A 325 30.75 5.04 25.60
C ASN A 325 31.01 6.26 24.70
N LEU A 326 30.16 6.51 23.69
CA LEU A 326 30.42 7.57 22.68
C LEU A 326 30.76 8.90 23.34
N ALA A 327 29.92 9.39 24.26
CA ALA A 327 30.17 10.65 25.00
C ALA A 327 31.48 10.55 25.78
N GLY A 328 31.71 9.44 26.48
CA GLY A 328 32.98 9.15 27.16
C GLY A 328 34.17 9.36 26.24
N ASP A 329 34.18 8.67 25.10
CA ASP A 329 35.23 8.83 24.05
C ASP A 329 35.46 10.32 23.81
N LYS A 330 34.41 11.00 23.33
CA LYS A 330 34.44 12.41 22.86
C LYS A 330 35.04 13.31 23.94
N LEU A 331 35.10 12.84 25.20
CA LEU A 331 35.52 13.67 26.37
C LEU A 331 36.79 13.10 27.04
N GLY A 332 37.51 12.20 26.38
CA GLY A 332 38.82 11.69 26.83
C GLY A 332 38.71 10.61 27.90
N ALA A 333 37.49 10.18 28.26
CA ALA A 333 37.24 9.07 29.22
C ALA A 333 37.70 7.76 28.59
N PRO A 334 38.41 6.89 29.35
CA PRO A 334 38.70 5.54 28.87
C PRO A 334 37.40 4.73 28.75
N THR A 335 37.06 4.35 27.52
CA THR A 335 35.78 3.71 27.12
C THR A 335 36.09 2.30 26.61
N HIS A 336 35.15 1.35 26.77
CA HIS A 336 35.38 -0.07 26.41
C HIS A 336 34.27 -0.65 25.53
N PRO A 337 34.56 -0.89 24.23
CA PRO A 337 33.67 -1.66 23.36
C PRO A 337 33.30 -3.06 23.87
N GLU A 338 34.18 -3.69 24.68
CA GLU A 338 33.97 -5.04 25.28
C GLU A 338 32.61 -5.10 25.98
N ILE A 339 32.20 -3.99 26.61
CA ILE A 339 30.91 -3.95 27.34
C ILE A 339 29.77 -3.96 26.33
N LEU A 340 29.94 -3.24 25.21
CA LEU A 340 28.87 -3.07 24.20
C LEU A 340 28.60 -4.41 23.54
N MET A 341 29.68 -5.12 23.19
CA MET A 341 29.62 -6.50 22.64
C MET A 341 28.74 -7.38 23.53
N LYS A 342 28.60 -7.07 24.82
CA LYS A 342 27.70 -7.80 25.75
C LYS A 342 26.22 -7.57 25.40
N PHE A 343 25.89 -6.52 24.63
CA PHE A 343 24.51 -6.24 24.14
C PHE A 343 24.32 -6.73 22.70
N TRP A 344 25.38 -7.30 22.12
CA TRP A 344 25.33 -7.88 20.77
C TRP A 344 24.69 -9.27 20.84
N ALA A 345 23.80 -9.57 19.90
CA ALA A 345 23.20 -10.92 19.81
C ALA A 345 23.81 -11.62 18.59
N GLU A 346 22.99 -12.20 17.71
CA GLU A 346 23.58 -12.92 16.56
C GLU A 346 23.87 -11.90 15.44
N ASP A 347 22.88 -11.09 15.06
CA ASP A 347 22.94 -10.21 13.86
C ASP A 347 22.79 -8.73 14.25
N HIS A 348 22.63 -8.42 15.54
CA HIS A 348 22.24 -7.06 15.99
C HIS A 348 22.43 -6.89 17.50
N PHE A 349 22.71 -5.66 17.92
CA PHE A 349 22.71 -5.24 19.35
C PHE A 349 21.25 -5.18 19.83
N VAL A 350 21.04 -5.52 21.10
CA VAL A 350 19.69 -5.61 21.72
C VAL A 350 19.52 -4.45 22.68
N SER A 351 18.32 -3.86 22.75
CA SER A 351 17.96 -2.92 23.84
C SER A 351 18.13 -3.70 25.14
N TYR A 352 17.38 -4.80 25.25
CA TYR A 352 17.36 -5.69 26.44
C TYR A 352 17.62 -7.13 26.05
N PRO A 353 18.58 -7.80 26.72
CA PRO A 353 18.99 -9.17 26.41
C PRO A 353 17.85 -10.15 26.10
N GLY A 354 16.74 -10.05 26.83
CA GLY A 354 15.45 -10.63 26.41
C GLY A 354 14.75 -9.72 25.41
N GLU A 355 14.87 -10.00 24.12
CA GLU A 355 14.32 -9.12 23.07
C GLU A 355 13.15 -9.83 22.39
N GLN A 356 11.93 -9.40 22.73
CA GLN A 356 10.67 -9.86 22.08
C GLN A 356 10.68 -9.35 20.64
N THR A 357 10.63 -8.02 20.51
CA THR A 357 10.85 -7.23 19.25
C THR A 357 12.08 -6.35 19.41
N PRO A 358 13.02 -6.36 18.44
CA PRO A 358 14.20 -5.50 18.51
C PRO A 358 14.00 -4.01 18.15
N SER A 359 15.07 -3.24 18.36
CA SER A 359 15.13 -1.75 18.26
C SER A 359 16.16 -1.33 17.21
N GLU A 360 15.80 -0.37 16.37
CA GLU A 360 16.61 0.02 15.19
C GLU A 360 17.55 1.17 15.54
N THR A 361 17.14 2.05 16.45
CA THR A 361 17.98 3.16 16.94
C THR A 361 19.12 2.61 17.80
N VAL A 362 18.89 1.54 18.56
CA VAL A 362 19.96 0.91 19.39
C VAL A 362 21.13 0.55 18.45
N ASN A 363 20.85 -0.09 17.32
CA ASN A 363 21.89 -0.51 16.34
C ASN A 363 22.51 0.74 15.70
N ALA A 364 21.70 1.75 15.38
CA ALA A 364 22.21 3.05 14.87
C ALA A 364 23.16 3.67 15.88
N HIS A 365 22.74 3.73 17.14
CA HIS A 365 23.50 4.41 18.23
C HIS A 365 24.79 3.64 18.49
N ALA A 366 24.76 2.31 18.39
CA ALA A 366 25.93 1.44 18.63
C ALA A 366 26.92 1.58 17.46
N LEU A 367 26.44 1.56 16.22
CA LEU A 367 27.33 1.66 15.03
C LEU A 367 28.02 3.02 15.03
N GLU A 368 27.31 4.07 15.39
CA GLU A 368 27.88 5.43 15.47
C GLU A 368 29.12 5.39 16.36
N TYR A 369 29.00 4.76 17.52
CA TYR A 369 30.13 4.63 18.46
C TYR A 369 31.26 3.84 17.81
N LEU A 370 30.92 2.75 17.11
CA LEU A 370 31.95 1.86 16.52
C LEU A 370 32.63 2.58 15.36
N ASN A 371 31.89 3.39 14.61
CA ASN A 371 32.47 4.18 13.50
C ASN A 371 33.43 5.22 14.08
N HIS A 372 32.99 5.96 15.09
CA HIS A 372 33.82 7.01 15.74
C HIS A 372 35.13 6.42 16.27
N LEU A 373 35.07 5.22 16.87
CA LEU A 373 36.27 4.60 17.46
C LEU A 373 37.22 4.16 16.35
N ARG A 374 36.70 3.58 15.27
CA ARG A 374 37.54 3.15 14.12
C ARG A 374 38.17 4.38 13.46
N LEU A 375 37.43 5.47 13.31
CA LEU A 375 37.95 6.70 12.68
C LEU A 375 39.00 7.34 13.59
N ARG A 376 38.78 7.34 14.90
CA ARG A 376 39.73 7.96 15.86
C ARG A 376 40.91 7.03 16.12
N ARG A 377 40.64 5.81 16.56
CA ARG A 377 41.72 4.87 16.93
C ARG A 377 42.51 4.40 15.69
N GLY A 378 41.92 4.42 14.50
CA GLY A 378 42.71 4.08 13.30
C GLY A 378 42.69 2.61 12.99
N ILE A 379 42.01 1.82 13.82
CA ILE A 379 41.89 0.36 13.61
C ILE A 379 40.41 -0.01 13.53
N ALA A 380 40.06 -0.98 12.70
CA ALA A 380 38.68 -1.49 12.66
C ALA A 380 38.66 -2.74 13.53
N GLU A 381 38.65 -2.55 14.83
CA GLU A 381 38.76 -3.64 15.83
C GLU A 381 37.49 -4.52 15.78
N TYR A 382 36.33 -3.92 15.54
CA TYR A 382 35.03 -4.64 15.51
C TYR A 382 34.56 -4.72 14.07
N GLY A 383 35.53 -4.85 13.16
CA GLY A 383 35.27 -4.89 11.71
C GLY A 383 34.06 -5.75 11.41
N ALA A 384 33.98 -6.90 12.09
CA ALA A 384 32.94 -7.95 11.89
C ALA A 384 31.57 -7.43 12.31
N VAL A 385 31.46 -6.80 13.48
CA VAL A 385 30.15 -6.36 14.04
C VAL A 385 29.63 -5.15 13.26
N GLU A 386 30.53 -4.23 12.88
CA GLU A 386 30.19 -3.01 12.11
C GLU A 386 29.38 -3.39 10.88
N ASP A 387 29.99 -4.21 10.02
CA ASP A 387 29.40 -4.66 8.74
C ASP A 387 28.09 -5.38 9.02
N ALA A 388 28.11 -6.38 9.90
CA ALA A 388 26.92 -7.20 10.22
C ALA A 388 25.79 -6.29 10.73
N CYS A 389 26.09 -5.42 11.71
CA CYS A 389 25.12 -4.43 12.27
C CYS A 389 24.64 -3.49 11.14
N ALA A 390 25.52 -3.15 10.21
CA ALA A 390 25.20 -2.33 9.00
C ALA A 390 24.20 -3.08 8.11
N GLU A 391 24.53 -4.33 7.71
CA GLU A 391 23.62 -5.24 6.98
C GLU A 391 22.25 -5.20 7.68
N TRP A 392 22.22 -5.52 8.98
CA TRP A 392 20.96 -5.68 9.75
C TRP A 392 20.14 -4.39 9.73
N VAL A 393 20.79 -3.24 9.94
CA VAL A 393 20.08 -1.92 9.91
C VAL A 393 19.38 -1.78 8.56
N ILE A 394 20.04 -2.14 7.47
CA ILE A 394 19.55 -1.88 6.09
C ILE A 394 18.29 -2.71 5.85
N SER A 395 18.29 -3.97 6.30
CA SER A 395 17.19 -4.95 6.08
C SER A 395 15.95 -4.60 6.90
N GLN A 396 16.00 -3.57 7.77
CA GLN A 396 14.85 -3.11 8.60
C GLN A 396 14.21 -1.86 7.98
N GLN A 397 14.80 -1.31 6.92
CA GLN A 397 14.25 -0.12 6.20
C GLN A 397 12.99 -0.59 5.46
N THR A 398 11.96 0.26 5.39
CA THR A 398 10.70 -0.07 4.68
C THR A 398 10.81 0.41 3.23
N GLU A 399 9.91 -0.11 2.37
CA GLU A 399 9.92 0.12 0.91
C GLU A 399 9.84 1.64 0.63
N ASP A 400 9.38 2.44 1.59
CA ASP A 400 9.15 3.90 1.39
C ASP A 400 10.45 4.67 1.62
N GLY A 401 11.46 4.07 2.26
CA GLY A 401 12.81 4.65 2.40
C GLY A 401 13.20 5.01 3.83
N CYS A 402 12.24 5.17 4.75
CA CYS A 402 12.52 5.58 6.16
C CYS A 402 12.69 4.34 7.05
N TRP A 403 13.12 4.55 8.28
CA TRP A 403 13.12 3.52 9.36
C TRP A 403 12.05 3.90 10.37
N TYR A 404 11.66 2.95 11.21
CA TYR A 404 10.97 3.20 12.49
C TYR A 404 11.83 2.65 13.62
N ASP A 405 11.32 2.81 14.84
CA ASP A 405 12.04 2.36 16.06
C ASP A 405 11.03 1.88 17.10
N LYS A 406 11.51 1.00 17.98
CA LYS A 406 10.79 0.47 19.17
C LYS A 406 10.54 1.58 20.19
N TRP A 407 11.40 2.60 20.25
CA TRP A 407 11.52 3.56 21.39
C TRP A 407 10.97 4.95 21.09
N ASN A 408 10.94 5.35 19.82
CA ASN A 408 10.32 6.63 19.36
C ASN A 408 9.58 6.28 18.09
N VAL A 409 8.40 6.85 17.91
CA VAL A 409 7.37 6.30 16.98
C VAL A 409 7.30 7.18 15.72
N SER A 410 8.10 8.23 15.66
CA SER A 410 8.26 9.08 14.46
C SER A 410 9.47 8.57 13.68
N PRO A 411 9.28 8.17 12.40
CA PRO A 411 10.41 7.69 11.58
C PRO A 411 11.56 8.70 11.50
N TYR A 412 11.30 9.97 11.80
CA TYR A 412 12.29 11.08 11.74
C TYR A 412 13.40 10.89 12.77
N TYR A 413 13.06 10.35 13.94
CA TYR A 413 14.05 10.04 14.99
C TYR A 413 14.95 8.91 14.49
N SER A 414 14.31 7.80 14.12
CA SER A 414 14.95 6.53 13.69
C SER A 414 15.72 6.72 12.39
N THR A 415 15.15 7.43 11.41
CA THR A 415 15.79 7.60 10.07
C THR A 415 17.05 8.46 10.22
N ALA A 416 16.96 9.58 10.94
CA ALA A 416 18.10 10.50 11.11
C ALA A 416 19.24 9.79 11.86
N ALA A 417 18.91 8.93 12.82
CA ALA A 417 19.89 8.15 13.63
C ALA A 417 20.57 7.08 12.76
N CYS A 418 19.80 6.26 12.06
CA CYS A 418 20.29 5.24 11.11
C CYS A 418 21.15 5.90 10.04
N VAL A 419 20.83 7.15 9.68
CA VAL A 419 21.57 7.86 8.60
C VAL A 419 22.89 8.39 9.12
N GLU A 420 22.99 8.82 10.40
CA GLU A 420 24.29 9.30 10.94
C GLU A 420 25.25 8.10 10.95
N ALA A 421 24.75 6.95 11.42
CA ALA A 421 25.52 5.70 11.56
C ALA A 421 26.04 5.25 10.20
N LEU A 422 25.20 5.30 9.15
CA LEU A 422 25.49 4.69 7.82
C LEU A 422 26.47 5.53 7.01
N LEU A 423 26.38 6.87 7.05
CA LEU A 423 27.28 7.77 6.29
C LEU A 423 28.73 7.46 6.66
N ASP A 424 29.05 7.26 7.94
CA ASP A 424 30.44 6.94 8.40
C ASP A 424 30.65 5.42 8.51
N ALA A 425 29.79 4.58 7.93
CA ALA A 425 29.98 3.11 7.96
C ALA A 425 31.08 2.73 6.96
N ARG A 426 32.01 1.85 7.39
CA ARG A 426 33.37 1.67 6.82
C ARG A 426 33.30 1.26 5.34
N LYS A 427 32.74 0.08 5.07
CA LYS A 427 32.34 -0.37 3.71
C LYS A 427 31.47 0.71 3.09
N GLN A 428 31.51 0.92 1.78
CA GLN A 428 30.53 1.84 1.18
C GLN A 428 29.77 1.00 0.18
N ASP A 429 29.31 -0.17 0.61
CA ASP A 429 28.57 -1.14 -0.24
C ASP A 429 27.41 -0.46 -0.95
N GLU A 430 27.06 -0.98 -2.13
CA GLU A 430 25.87 -0.45 -2.83
C GLU A 430 24.68 -0.56 -1.88
N PRO A 431 24.41 -1.70 -1.19
CA PRO A 431 23.34 -1.73 -0.19
C PRO A 431 23.34 -0.47 0.67
N GLN A 432 24.51 -0.03 1.16
CA GLN A 432 24.61 1.16 2.04
C GLN A 432 24.27 2.43 1.26
N LEU A 433 24.90 2.66 0.11
CA LEU A 433 24.69 3.94 -0.60
C LEU A 433 23.31 3.95 -1.25
N ASP A 434 22.78 2.81 -1.71
CA ASP A 434 21.40 2.75 -2.22
C ASP A 434 20.41 2.98 -1.07
N SER A 435 20.66 2.36 0.09
CA SER A 435 19.91 2.61 1.35
C SER A 435 19.85 4.12 1.60
N LEU A 436 21.02 4.72 1.85
CA LEU A 436 21.22 6.17 2.11
C LEU A 436 20.60 7.03 0.99
N ARG A 437 20.62 6.55 -0.25
CA ARG A 437 20.04 7.26 -1.42
C ARG A 437 18.52 7.32 -1.26
N ARG A 438 17.91 6.21 -0.83
CA ARG A 438 16.43 6.14 -0.64
C ARG A 438 16.06 6.97 0.59
N ALA A 439 16.85 6.88 1.67
CA ALA A 439 16.58 7.58 2.95
C ALA A 439 16.39 9.07 2.67
N ARG A 440 17.42 9.70 2.09
CA ARG A 440 17.45 11.13 1.71
C ARG A 440 16.23 11.47 0.87
N GLU A 441 16.06 10.77 -0.24
CA GLU A 441 14.89 10.92 -1.15
C GLU A 441 13.62 11.07 -0.29
N TRP A 442 13.35 10.08 0.57
CA TRP A 442 12.22 10.13 1.54
C TRP A 442 12.23 11.49 2.23
N LEU A 443 13.38 11.89 2.78
CA LEU A 443 13.51 13.11 3.60
C LEU A 443 13.05 14.33 2.78
N LEU A 444 13.46 14.44 1.51
CA LEU A 444 13.17 15.64 0.68
C LEU A 444 11.69 15.68 0.28
N ARG A 445 11.07 14.51 0.06
CA ARG A 445 9.73 14.44 -0.60
C ARG A 445 8.64 14.74 0.44
N HIS A 446 8.96 14.66 1.74
CA HIS A 446 7.96 14.78 2.83
C HIS A 446 7.99 16.15 3.50
N GLN A 447 8.87 17.05 3.06
CA GLN A 447 8.85 18.45 3.56
C GLN A 447 7.50 19.07 3.21
N THR A 448 7.00 19.95 4.09
CA THR A 448 5.68 20.61 3.95
C THR A 448 5.89 22.06 3.54
N ASP A 449 4.77 22.75 3.26
CA ASP A 449 4.72 24.19 2.88
C ASP A 449 5.32 25.04 4.00
N SER A 450 5.09 24.65 5.27
CA SER A 450 5.58 25.38 6.48
C SER A 450 7.12 25.37 6.54
N GLY A 451 7.76 24.39 5.90
CA GLY A 451 9.24 24.25 5.86
C GLY A 451 9.72 23.10 6.73
N GLY A 452 8.81 22.57 7.55
CA GLY A 452 9.10 21.49 8.53
C GLY A 452 8.60 20.14 8.03
N TRP A 453 8.81 19.12 8.87
CA TRP A 453 8.46 17.72 8.52
C TRP A 453 7.73 17.10 9.71
N GLY A 454 7.07 15.96 9.49
CA GLY A 454 6.34 15.29 10.58
C GLY A 454 5.66 13.99 10.17
N MET A 455 5.54 13.05 11.10
CA MET A 455 4.82 11.77 10.81
C MET A 455 3.36 12.09 10.50
N ALA A 456 2.91 13.28 10.88
CA ALA A 456 1.54 13.75 10.54
C ALA A 456 1.59 15.27 10.41
N GLU A 457 1.26 15.98 11.51
CA GLU A 457 1.40 17.46 11.50
C GLU A 457 2.88 17.78 11.71
N PRO A 458 3.48 18.78 11.02
CA PRO A 458 4.89 19.11 11.29
C PRO A 458 5.12 19.57 12.74
N SER A 459 6.36 19.42 13.21
CA SER A 459 6.76 19.73 14.60
C SER A 459 8.23 20.13 14.65
N PRO A 460 8.65 20.88 15.69
CA PRO A 460 10.07 21.27 15.84
C PRO A 460 11.01 20.10 16.16
N GLU A 461 10.54 19.05 16.82
CA GLU A 461 11.42 17.90 17.17
C GLU A 461 11.74 17.15 15.87
N GLU A 462 10.68 16.80 15.12
CA GLU A 462 10.80 16.01 13.87
C GLU A 462 11.42 16.85 12.75
N THR A 463 11.24 18.17 12.79
CA THR A 463 11.86 19.08 11.78
C THR A 463 13.37 19.12 12.07
N ALA A 464 13.74 19.17 13.35
CA ALA A 464 15.15 19.23 13.79
C ALA A 464 15.86 17.92 13.42
N TYR A 465 15.11 16.81 13.36
CA TYR A 465 15.63 15.48 12.97
C TYR A 465 15.97 15.46 11.47
N ALA A 466 15.03 15.88 10.62
CA ALA A 466 15.16 15.93 9.14
C ALA A 466 16.33 16.84 8.75
N VAL A 467 16.31 18.08 9.24
CA VAL A 467 17.34 19.14 9.00
C VAL A 467 18.71 18.66 9.49
N MET A 468 18.73 17.86 10.56
CA MET A 468 19.96 17.26 11.13
C MET A 468 20.51 16.21 10.16
N ALA A 469 19.62 15.38 9.62
CA ALA A 469 19.94 14.28 8.70
C ALA A 469 20.35 14.86 7.35
N LEU A 470 19.69 15.95 6.94
CA LEU A 470 20.04 16.70 5.69
C LEU A 470 21.43 17.33 5.84
N ASP A 471 21.73 17.95 6.97
CA ASP A 471 23.04 18.62 7.12
C ASP A 471 24.14 17.61 6.84
N LEU A 472 24.04 16.44 7.44
CA LEU A 472 25.10 15.41 7.25
C LEU A 472 25.24 15.05 5.77
N PHE A 473 24.15 15.07 4.99
CA PHE A 473 24.15 14.81 3.53
C PHE A 473 24.84 15.95 2.77
N ALA A 474 24.31 17.16 2.92
CA ALA A 474 24.87 18.39 2.29
C ALA A 474 26.38 18.45 2.50
N SER A 475 26.85 18.17 3.72
CA SER A 475 28.29 18.33 4.10
C SER A 475 29.10 17.14 3.59
N ARG A 476 28.51 16.20 2.84
CA ARG A 476 29.26 15.07 2.24
C ARG A 476 29.51 15.34 0.75
N GLY A 477 28.49 15.82 0.05
CA GLY A 477 28.58 16.30 -1.34
C GLY A 477 27.85 15.41 -2.32
N GLY A 478 27.99 15.70 -3.61
CA GLY A 478 27.55 14.84 -4.71
C GLY A 478 26.07 14.99 -4.98
N LYS A 479 25.55 14.14 -5.88
CA LYS A 479 24.14 14.17 -6.34
C LYS A 479 23.24 14.33 -5.12
N GLY A 480 22.28 15.25 -5.19
CA GLY A 480 21.27 15.48 -4.13
C GLY A 480 21.72 16.45 -3.06
N ALA A 481 23.04 16.59 -2.84
CA ALA A 481 23.61 17.30 -1.68
C ALA A 481 23.14 18.77 -1.65
N GLU A 482 22.92 19.40 -2.80
CA GLU A 482 22.54 20.85 -2.87
C GLU A 482 21.04 21.01 -2.63
N GLU A 483 20.23 20.02 -2.98
CA GLU A 483 18.77 19.97 -2.65
C GLU A 483 18.60 19.74 -1.14
N CYS A 484 19.55 19.05 -0.51
CA CYS A 484 19.52 18.79 0.97
C CYS A 484 19.67 20.12 1.71
N ALA A 485 20.53 21.02 1.22
CA ALA A 485 20.82 22.33 1.86
C ALA A 485 19.65 23.30 1.63
N ALA A 486 19.12 23.38 0.41
CA ALA A 486 17.95 24.25 0.08
C ALA A 486 16.82 23.88 1.05
N ALA A 487 16.50 22.59 1.11
CA ALA A 487 15.53 22.00 2.07
C ALA A 487 15.75 22.60 3.47
N ILE A 488 17.00 22.77 3.90
CA ILE A 488 17.34 23.25 5.28
C ILE A 488 17.05 24.75 5.37
N SER A 489 17.54 25.54 4.42
CA SER A 489 17.23 27.00 4.29
C SER A 489 15.71 27.21 4.42
N ARG A 490 14.91 26.29 3.89
CA ARG A 490 13.43 26.38 3.93
C ARG A 490 12.92 26.12 5.35
N ALA A 491 13.64 25.35 6.15
CA ALA A 491 13.28 25.06 7.56
C ALA A 491 13.44 26.33 8.41
N LYS A 492 14.33 27.24 8.01
CA LYS A 492 14.53 28.52 8.72
C LYS A 492 13.18 29.08 9.15
N GLU A 493 12.26 29.24 8.19
CA GLU A 493 10.96 29.92 8.46
C GLU A 493 10.21 29.13 9.54
N PHE A 494 10.08 27.80 9.39
CA PHE A 494 9.30 26.92 10.30
C PHE A 494 9.73 27.15 11.77
N PHE A 495 11.04 27.22 12.00
CA PHE A 495 11.65 27.27 13.36
C PHE A 495 11.48 28.67 13.96
N LYS A 496 12.13 29.68 13.36
CA LYS A 496 12.03 31.10 13.79
C LYS A 496 10.56 31.52 13.88
N ASP A 497 9.63 30.78 13.25
CA ASP A 497 8.18 31.12 13.25
C ASP A 497 7.60 30.77 14.63
N GLU A 498 6.35 30.30 14.65
CA GLU A 498 5.56 30.28 15.90
C GLU A 498 6.31 29.43 16.94
N SER A 499 6.14 29.78 18.21
CA SER A 499 6.33 28.83 19.33
C SER A 499 5.16 27.86 19.29
N ARG A 500 5.35 26.76 18.56
CA ARG A 500 4.43 25.61 18.43
C ARG A 500 4.66 24.71 19.65
N GLU A 501 3.94 23.60 19.73
CA GLU A 501 4.05 22.66 20.86
C GLU A 501 4.69 21.36 20.39
N ASN A 502 5.22 20.60 21.34
CA ASN A 502 5.95 19.34 21.10
C ASN A 502 4.98 18.17 21.26
N PRO A 503 4.53 17.56 20.15
CA PRO A 503 3.80 16.30 20.25
C PRO A 503 4.68 15.25 20.93
N PRO A 504 4.07 14.32 21.71
CA PRO A 504 4.83 13.25 22.37
C PRO A 504 5.09 12.06 21.44
N LEU A 505 6.36 11.83 21.08
CA LEU A 505 6.76 10.84 20.05
C LEU A 505 7.50 9.66 20.67
N TRP A 506 7.97 9.85 21.90
CA TRP A 506 8.77 8.81 22.63
C TRP A 506 7.78 7.83 23.21
N MET A 507 8.21 6.58 23.41
CA MET A 507 7.32 5.46 23.77
C MET A 507 7.70 4.92 25.14
N GLY A 508 6.94 5.28 26.17
CA GLY A 508 6.83 4.51 27.41
C GLY A 508 5.57 3.67 27.37
N LYS A 509 4.92 3.46 28.52
CA LYS A 509 3.60 2.78 28.60
C LYS A 509 2.56 3.60 27.82
N ASP A 510 2.77 4.91 27.73
CA ASP A 510 2.14 5.79 26.73
C ASP A 510 3.18 6.79 26.21
N LEU A 511 2.81 7.57 25.20
CA LEU A 511 3.75 8.50 24.54
C LEU A 511 3.99 9.69 25.46
N TYR A 512 5.15 10.30 25.34
CA TYR A 512 5.53 11.45 26.19
C TYR A 512 6.63 12.26 25.49
N THR A 513 6.83 13.47 25.99
CA THR A 513 7.96 14.34 25.65
C THR A 513 8.98 14.24 26.79
N PRO A 514 10.23 13.85 26.51
CA PRO A 514 11.32 14.01 27.47
C PRO A 514 11.89 15.43 27.30
N PHE A 515 11.38 16.37 28.09
CA PHE A 515 11.43 17.82 27.76
C PHE A 515 12.87 18.29 27.57
N ARG A 516 13.78 17.89 28.45
CA ARG A 516 15.18 18.36 28.38
C ARG A 516 15.74 17.90 27.04
N ILE A 517 15.49 16.63 26.69
CA ILE A 517 16.06 16.03 25.45
C ILE A 517 15.49 16.78 24.23
N VAL A 518 14.19 17.03 24.24
CA VAL A 518 13.50 17.72 23.10
C VAL A 518 13.90 19.20 23.10
N GLU A 519 14.12 19.80 24.28
CA GLU A 519 14.66 21.19 24.41
C GLU A 519 15.94 21.33 23.59
N VAL A 520 16.83 20.35 23.65
CA VAL A 520 18.20 20.42 23.05
C VAL A 520 18.09 20.12 21.55
N THR A 521 17.31 19.10 21.18
CA THR A 521 17.12 18.66 19.77
C THR A 521 16.74 19.85 18.89
N VAL A 522 15.69 20.59 19.29
CA VAL A 522 15.12 21.75 18.53
C VAL A 522 16.20 22.81 18.35
N MET A 523 17.01 23.06 19.38
CA MET A 523 18.06 24.10 19.32
C MET A 523 19.18 23.64 18.37
N CYS A 524 19.45 22.34 18.31
CA CYS A 524 20.46 21.74 17.38
C CYS A 524 19.97 21.93 15.95
N GLY A 525 18.71 21.58 15.68
CA GLY A 525 18.03 21.90 14.42
C GLY A 525 18.23 23.37 14.05
N ARG A 526 18.02 24.29 14.99
CA ARG A 526 18.13 25.75 14.74
C ARG A 526 19.58 26.10 14.37
N ALA A 527 20.55 25.63 15.16
CA ALA A 527 22.01 25.75 14.90
C ALA A 527 22.36 25.21 13.50
N VAL A 528 21.82 24.05 13.10
CA VAL A 528 21.98 23.58 11.70
C VAL A 528 21.38 24.65 10.79
N VAL A 529 20.13 25.04 11.08
CA VAL A 529 19.30 25.96 10.24
C VAL A 529 20.05 27.29 10.07
N SER A 530 20.61 27.82 11.16
CA SER A 530 21.29 29.14 11.17
C SER A 530 22.75 28.95 10.75
N ARG A 531 22.95 28.05 9.78
CA ARG A 531 24.21 27.87 9.02
C ARG A 531 23.91 27.78 7.52
N TYR A 532 22.65 28.06 7.14
CA TYR A 532 22.22 27.98 5.73
C TYR A 532 21.38 29.21 5.39
N SER B 25 3.18 5.25 -46.34
CA SER B 25 3.73 5.63 -45.00
C SER B 25 2.96 4.92 -43.87
N ASP B 26 1.75 4.46 -44.14
CA ASP B 26 1.03 3.62 -43.15
C ASP B 26 1.77 2.29 -43.07
N ALA B 27 2.23 1.77 -44.19
CA ALA B 27 3.00 0.51 -44.23
C ALA B 27 4.30 0.69 -43.48
N ASP B 28 4.90 1.87 -43.60
CA ASP B 28 6.16 2.15 -42.87
C ASP B 28 5.88 2.11 -41.36
N ARG B 29 4.72 2.62 -40.96
CA ARG B 29 4.31 2.73 -39.54
C ARG B 29 4.00 1.36 -38.97
N ILE B 30 3.54 0.44 -39.81
CA ILE B 30 3.27 -0.98 -39.42
C ILE B 30 4.63 -1.65 -39.18
N ALA B 31 5.46 -1.68 -40.22
CA ALA B 31 6.82 -2.30 -40.19
C ALA B 31 7.58 -1.79 -38.96
N ALA B 32 7.53 -0.48 -38.68
CA ALA B 32 8.18 0.15 -37.50
C ALA B 32 7.54 -0.38 -36.21
N LEU B 33 6.21 -0.50 -36.17
CA LEU B 33 5.46 -1.12 -35.04
C LEU B 33 5.98 -2.53 -34.84
N LEU B 34 6.19 -3.26 -35.95
CA LEU B 34 6.72 -4.66 -35.96
C LEU B 34 8.15 -4.70 -35.39
N LYS B 35 9.03 -3.78 -35.80
CA LYS B 35 10.47 -3.77 -35.36
C LYS B 35 10.50 -3.48 -33.85
N ASP B 36 9.57 -2.65 -33.38
CA ASP B 36 9.48 -2.15 -31.98
C ASP B 36 8.85 -3.22 -31.07
N ARG B 37 7.84 -3.92 -31.57
CA ARG B 37 7.08 -4.96 -30.84
C ARG B 37 8.06 -6.08 -30.43
N ALA B 38 9.06 -6.35 -31.27
CA ALA B 38 10.14 -7.34 -31.03
C ALA B 38 11.05 -6.86 -29.88
N ALA B 39 11.35 -5.56 -29.84
CA ALA B 39 12.30 -4.95 -28.87
C ALA B 39 11.84 -5.28 -27.46
N ASP B 40 10.56 -5.04 -27.16
CA ASP B 40 9.93 -5.36 -25.85
C ASP B 40 8.61 -6.08 -26.09
N PRO B 41 8.47 -7.33 -25.57
CA PRO B 41 7.18 -8.03 -25.58
C PRO B 41 6.23 -7.52 -24.49
N VAL B 42 6.65 -6.49 -23.73
CA VAL B 42 5.79 -5.84 -22.69
C VAL B 42 4.52 -5.39 -23.40
N THR B 43 3.37 -5.83 -22.90
CA THR B 43 2.06 -5.61 -23.57
C THR B 43 1.52 -4.27 -23.09
N LYS B 44 1.01 -3.48 -24.04
CA LYS B 44 0.54 -2.10 -23.81
C LYS B 44 -1.00 -2.07 -23.79
N PHE B 45 -1.59 -2.21 -22.62
CA PHE B 45 -3.06 -2.05 -22.40
C PHE B 45 -3.33 -0.69 -21.79
N SER B 46 -4.40 -0.05 -22.28
CA SER B 46 -4.87 1.28 -21.84
C SER B 46 -5.04 1.23 -20.32
N PRO B 47 -4.71 2.32 -19.60
CA PRO B 47 -4.89 2.36 -18.16
C PRO B 47 -6.40 2.27 -17.88
N SER B 48 -6.80 1.83 -16.69
CA SER B 48 -8.23 1.75 -16.28
C SER B 48 -8.47 2.48 -14.97
N PRO B 49 -9.63 3.14 -14.79
CA PRO B 49 -10.02 3.66 -13.49
C PRO B 49 -10.23 2.57 -12.43
N TYR B 50 -10.53 1.32 -12.84
CA TYR B 50 -10.69 0.20 -11.88
C TYR B 50 -9.32 -0.24 -11.35
N GLU B 51 -8.42 -0.66 -12.25
CA GLU B 51 -7.08 -1.19 -11.86
C GLU B 51 -6.31 -0.14 -11.06
N THR B 52 -6.39 1.13 -11.47
CA THR B 52 -5.74 2.28 -10.77
C THR B 52 -6.28 2.34 -9.33
N GLY B 53 -7.61 2.45 -9.18
CA GLY B 53 -8.28 2.54 -7.88
C GLY B 53 -7.77 1.47 -6.92
N GLN B 54 -7.68 0.22 -7.39
CA GLN B 54 -7.33 -0.97 -6.57
C GLN B 54 -5.84 -0.98 -6.24
N PHE B 55 -5.00 -0.40 -7.11
CA PHE B 55 -3.54 -0.25 -6.90
C PHE B 55 -3.31 0.76 -5.76
N LEU B 56 -4.04 1.88 -5.78
CA LEU B 56 -4.04 2.91 -4.71
C LEU B 56 -4.46 2.27 -3.37
N ARG B 57 -5.48 1.42 -3.37
CA ARG B 57 -6.03 0.79 -2.13
C ARG B 57 -4.95 -0.08 -1.47
N ILE B 58 -4.33 -0.98 -2.23
CA ILE B 58 -3.46 -2.06 -1.69
C ILE B 58 -2.08 -1.48 -1.39
N SER B 59 -1.39 -1.00 -2.43
CA SER B 59 -0.04 -0.35 -2.33
C SER B 59 -0.23 0.99 -1.63
N GLU B 60 0.28 1.13 -0.39
CA GLU B 60 -0.09 2.26 0.51
C GLU B 60 0.94 3.37 0.42
N ARG B 61 2.23 3.01 0.43
CA ARG B 61 3.36 3.97 0.42
C ARG B 61 4.39 3.50 -0.61
N ALA B 62 4.68 4.35 -1.60
CA ALA B 62 5.77 4.12 -2.57
C ALA B 62 5.88 5.45 -3.30
N ASP B 63 5.35 5.53 -4.50
CA ASP B 63 5.16 6.83 -5.19
C ASP B 63 3.64 6.86 -5.36
N VAL B 64 2.94 5.99 -4.61
CA VAL B 64 1.46 5.83 -4.73
C VAL B 64 0.77 6.95 -3.96
N GLY B 65 -0.40 7.35 -4.46
CA GLY B 65 -1.12 8.49 -3.87
C GLY B 65 -1.43 9.45 -4.98
N THR B 66 -0.96 10.69 -4.88
CA THR B 66 -1.25 11.76 -5.87
C THR B 66 -1.29 11.21 -7.31
N PRO B 67 -0.27 10.53 -7.88
CA PRO B 67 -0.31 10.12 -9.29
C PRO B 67 -1.57 9.33 -9.67
N GLN B 68 -2.05 8.48 -8.77
CA GLN B 68 -3.30 7.71 -8.93
C GLN B 68 -4.49 8.65 -8.67
N ILE B 69 -4.47 9.33 -7.52
CA ILE B 69 -5.51 10.31 -7.10
C ILE B 69 -5.77 11.23 -8.30
N ASP B 70 -4.69 11.78 -8.86
CA ASP B 70 -4.71 12.76 -9.99
C ASP B 70 -5.50 12.19 -11.16
N TYR B 71 -5.18 10.95 -11.54
CA TYR B 71 -5.74 10.24 -12.72
C TYR B 71 -7.25 10.08 -12.52
N LEU B 72 -7.65 9.52 -11.37
CA LEU B 72 -9.06 9.19 -11.06
C LEU B 72 -9.93 10.44 -11.14
N LEU B 73 -9.43 11.61 -10.73
CA LEU B 73 -10.24 12.85 -10.62
C LEU B 73 -10.58 13.40 -12.02
N ALA B 74 -9.67 13.24 -13.00
CA ALA B 74 -9.81 13.82 -14.36
C ALA B 74 -10.44 12.82 -15.34
N THR B 75 -10.50 11.52 -14.97
CA THR B 75 -11.17 10.45 -15.77
C THR B 75 -12.59 10.21 -15.25
N GLN B 76 -13.06 11.01 -14.28
CA GLN B 76 -14.49 11.01 -13.86
C GLN B 76 -15.28 11.86 -14.86
N ARG B 77 -16.54 11.48 -15.09
CA ARG B 77 -17.42 12.20 -16.04
C ARG B 77 -18.40 13.07 -15.26
N PRO B 78 -18.97 14.14 -15.86
CA PRO B 78 -19.97 14.98 -15.20
C PRO B 78 -21.01 14.19 -14.41
N ASP B 79 -21.49 13.08 -14.96
CA ASP B 79 -22.55 12.26 -14.33
C ASP B 79 -22.10 11.75 -12.97
N GLY B 80 -20.81 11.82 -12.66
CA GLY B 80 -20.30 11.39 -11.35
C GLY B 80 -19.73 10.00 -11.42
N LEU B 81 -20.10 9.24 -12.45
CA LEU B 81 -19.64 7.84 -12.54
C LEU B 81 -18.34 7.74 -13.33
N TRP B 82 -17.76 6.55 -13.36
CA TRP B 82 -16.51 6.27 -14.10
C TRP B 82 -16.79 5.28 -15.22
N GLY B 83 -16.25 5.55 -16.40
CA GLY B 83 -16.20 4.61 -17.55
C GLY B 83 -17.30 4.89 -18.57
N SER B 84 -17.39 3.99 -19.56
CA SER B 84 -18.33 4.09 -20.71
C SER B 84 -19.76 3.75 -20.24
N VAL B 85 -20.74 4.08 -21.07
CA VAL B 85 -22.18 3.85 -20.77
C VAL B 85 -22.41 2.34 -20.72
N GLY B 86 -22.99 1.86 -19.61
CA GLY B 86 -23.29 0.43 -19.39
C GLY B 86 -22.36 -0.21 -18.37
N PHE B 87 -21.08 0.17 -18.35
CA PHE B 87 -20.01 -0.54 -17.61
C PHE B 87 -19.44 0.34 -16.50
N GLU B 88 -20.24 1.27 -15.97
CA GLU B 88 -19.78 2.29 -15.00
C GLU B 88 -19.44 1.62 -13.66
N LEU B 89 -20.08 0.49 -13.34
CA LEU B 89 -20.08 0.00 -11.94
C LEU B 89 -18.67 -0.45 -11.56
N VAL B 90 -18.08 -1.33 -12.37
CA VAL B 90 -16.84 -2.06 -11.99
C VAL B 90 -15.69 -1.07 -11.78
N PRO B 91 -15.47 -0.07 -12.65
CA PRO B 91 -14.52 1.00 -12.34
C PRO B 91 -15.02 2.20 -11.51
N THR B 92 -16.33 2.45 -11.38
CA THR B 92 -16.76 3.55 -10.45
C THR B 92 -16.49 3.07 -9.03
N LEU B 93 -16.75 1.80 -8.74
CA LEU B 93 -16.46 1.18 -7.42
C LEU B 93 -14.94 1.11 -7.20
N GLY B 94 -14.20 0.79 -8.27
CA GLY B 94 -12.72 0.68 -8.20
C GLY B 94 -12.09 2.03 -7.85
N ALA B 95 -12.71 3.12 -8.31
CA ALA B 95 -12.22 4.51 -8.10
C ALA B 95 -12.47 4.91 -6.64
N VAL B 96 -13.75 4.87 -6.23
CA VAL B 96 -14.20 5.27 -4.87
C VAL B 96 -13.38 4.49 -3.83
N ALA B 97 -13.06 3.22 -4.11
CA ALA B 97 -12.23 2.32 -3.26
C ALA B 97 -10.87 2.97 -2.98
N GLY B 98 -10.17 3.39 -4.04
CA GLY B 98 -8.86 4.04 -3.97
C GLY B 98 -8.92 5.39 -3.28
N LEU B 99 -9.85 6.26 -3.69
CA LEU B 99 -10.00 7.63 -3.13
C LEU B 99 -10.35 7.58 -1.64
N SER B 100 -11.23 6.65 -1.24
CA SER B 100 -11.77 6.54 0.14
C SER B 100 -10.65 6.17 1.12
N SER B 101 -9.88 5.13 0.78
CA SER B 101 -8.86 4.51 1.65
C SER B 101 -8.08 5.59 2.41
N ARG B 102 -7.56 6.59 1.69
CA ARG B 102 -6.74 7.72 2.21
C ARG B 102 -7.42 8.33 3.44
N ASP B 107 -7.02 15.97 3.85
CA ASP B 107 -6.49 15.06 2.78
C ASP B 107 -6.36 15.87 1.48
N ARG B 108 -6.66 15.26 0.33
CA ARG B 108 -6.48 15.88 -1.02
C ARG B 108 -7.67 16.82 -1.32
N ALA B 109 -7.60 17.51 -2.45
CA ALA B 109 -8.54 18.57 -2.88
C ALA B 109 -9.64 17.97 -3.75
N GLY B 110 -10.91 18.19 -3.38
CA GLY B 110 -12.10 17.76 -4.13
C GLY B 110 -12.21 16.25 -4.26
N VAL B 111 -11.51 15.50 -3.41
CA VAL B 111 -11.63 14.00 -3.33
C VAL B 111 -13.04 13.66 -2.85
N THR B 112 -13.47 14.26 -1.74
CA THR B 112 -14.77 13.95 -1.07
C THR B 112 -15.93 14.37 -1.97
N ASP B 113 -15.88 15.56 -2.56
CA ASP B 113 -16.92 16.09 -3.48
C ASP B 113 -17.09 15.09 -4.65
N ALA B 114 -16.01 14.40 -5.02
CA ALA B 114 -15.99 13.36 -6.08
C ALA B 114 -16.65 12.08 -5.55
N VAL B 115 -16.20 11.59 -4.38
CA VAL B 115 -16.74 10.36 -3.72
C VAL B 115 -18.23 10.57 -3.42
N ALA B 116 -18.68 11.84 -3.32
CA ALA B 116 -20.08 12.22 -3.05
C ALA B 116 -20.93 12.09 -4.31
N ARG B 117 -20.65 12.88 -5.35
CA ARG B 117 -21.48 12.96 -6.59
C ARG B 117 -21.47 11.60 -7.30
N ALA B 118 -20.44 10.79 -7.04
CA ALA B 118 -20.31 9.41 -7.56
C ALA B 118 -21.29 8.48 -6.82
N CYS B 119 -21.18 8.43 -5.49
CA CYS B 119 -22.12 7.71 -4.59
C CYS B 119 -23.53 8.24 -4.81
N GLU B 120 -23.68 9.56 -4.98
CA GLU B 120 -24.99 10.23 -5.25
C GLU B 120 -25.66 9.54 -6.44
N LYS B 121 -24.95 9.43 -7.58
CA LYS B 121 -25.46 8.78 -8.81
C LYS B 121 -25.49 7.26 -8.62
N LEU B 122 -24.64 6.72 -7.74
CA LEU B 122 -24.61 5.27 -7.41
C LEU B 122 -25.83 4.88 -6.57
N TRP B 123 -26.37 5.80 -5.76
CA TRP B 123 -27.64 5.59 -5.01
C TRP B 123 -28.82 6.02 -5.90
N GLU B 124 -28.63 7.06 -6.72
CA GLU B 124 -29.66 7.51 -7.70
C GLU B 124 -30.14 6.29 -8.51
N LEU B 125 -29.21 5.48 -9.02
CA LEU B 125 -29.52 4.26 -9.82
C LEU B 125 -29.94 3.11 -8.88
N ALA B 126 -29.34 3.04 -7.69
CA ALA B 126 -29.57 1.97 -6.67
C ALA B 126 -31.02 1.96 -6.19
N LEU B 127 -31.77 3.04 -6.47
CA LEU B 127 -33.25 3.07 -6.33
C LEU B 127 -33.84 3.42 -7.70
N GLY B 128 -34.38 2.43 -8.43
CA GLY B 128 -34.89 2.63 -9.79
C GLY B 128 -35.79 1.51 -10.26
N GLU B 129 -36.05 1.46 -11.56
CA GLU B 129 -37.07 0.57 -12.18
C GLU B 129 -36.55 -0.87 -12.20
N GLY B 130 -36.78 -1.62 -11.12
CA GLY B 130 -36.68 -3.10 -11.07
C GLY B 130 -35.25 -3.60 -10.88
N GLY B 131 -34.50 -3.01 -9.96
CA GLY B 131 -33.11 -3.42 -9.62
C GLY B 131 -32.09 -2.38 -10.07
N LEU B 132 -30.84 -2.82 -10.26
CA LEU B 132 -29.73 -1.99 -10.84
C LEU B 132 -29.51 -2.41 -12.29
N PRO B 133 -29.03 -1.51 -13.18
CA PRO B 133 -28.63 -1.92 -14.52
C PRO B 133 -27.72 -3.16 -14.44
N ARG B 134 -28.21 -4.29 -14.97
CA ARG B 134 -27.59 -5.62 -14.75
C ARG B 134 -26.07 -5.54 -14.96
N LEU B 135 -25.32 -6.27 -14.13
CA LEU B 135 -23.85 -6.41 -14.23
C LEU B 135 -23.47 -6.88 -15.63
N PRO B 136 -22.50 -6.22 -16.31
CA PRO B 136 -22.02 -6.69 -17.61
C PRO B 136 -21.15 -7.95 -17.43
N ASP B 137 -20.85 -8.64 -18.53
CA ASP B 137 -20.17 -9.95 -18.51
C ASP B 137 -18.65 -9.76 -18.45
N THR B 138 -18.19 -8.61 -17.94
CA THR B 138 -16.74 -8.31 -17.76
C THR B 138 -16.18 -9.32 -16.74
N VAL B 139 -14.95 -9.78 -16.99
CA VAL B 139 -14.29 -10.89 -16.22
C VAL B 139 -14.39 -10.58 -14.73
N ALA B 140 -14.86 -11.56 -13.95
CA ALA B 140 -14.92 -11.53 -12.47
C ALA B 140 -15.85 -10.42 -11.96
N SER B 141 -16.83 -9.98 -12.77
CA SER B 141 -17.87 -9.03 -12.33
C SER B 141 -18.65 -9.65 -11.17
N GLU B 142 -18.82 -10.98 -11.20
CA GLU B 142 -19.52 -11.76 -10.17
C GLU B 142 -18.81 -11.60 -8.82
N ILE B 143 -17.48 -11.52 -8.81
CA ILE B 143 -16.63 -11.53 -7.56
C ILE B 143 -16.19 -10.11 -7.20
N ILE B 144 -15.88 -9.27 -8.19
CA ILE B 144 -15.34 -7.89 -7.96
C ILE B 144 -16.44 -7.03 -7.33
N VAL B 145 -17.63 -6.98 -7.94
CA VAL B 145 -18.71 -6.04 -7.55
C VAL B 145 -19.15 -6.30 -6.10
N PRO B 146 -19.48 -7.56 -5.69
CA PRO B 146 -19.82 -7.81 -4.29
C PRO B 146 -18.65 -7.67 -3.30
N SER B 147 -17.40 -7.78 -3.75
CA SER B 147 -16.27 -7.52 -2.84
C SER B 147 -16.22 -6.04 -2.50
N LEU B 148 -16.63 -5.18 -3.43
CA LEU B 148 -16.51 -3.72 -3.21
C LEU B 148 -17.81 -3.17 -2.59
N ILE B 149 -18.95 -3.81 -2.84
CA ILE B 149 -20.18 -3.36 -2.11
C ILE B 149 -19.97 -3.72 -0.63
N ASP B 150 -19.13 -4.70 -0.32
CA ASP B 150 -18.81 -5.04 1.08
C ASP B 150 -17.78 -4.05 1.59
N LEU B 151 -16.63 -3.96 0.92
CA LEU B 151 -15.55 -3.04 1.37
C LEU B 151 -16.14 -1.66 1.61
N LEU B 152 -16.58 -1.00 0.54
CA LEU B 152 -17.27 0.30 0.72
C LEU B 152 -18.66 -0.02 1.21
N GLY B 153 -18.82 -0.17 2.52
CA GLY B 153 -20.13 -0.47 3.11
C GLY B 153 -20.46 0.51 4.20
N GLU B 154 -19.50 1.36 4.58
CA GLU B 154 -19.74 2.41 5.59
C GLU B 154 -19.99 3.70 4.84
N VAL B 155 -19.07 4.07 3.95
CA VAL B 155 -19.23 5.30 3.11
C VAL B 155 -20.39 5.09 2.14
N LEU B 156 -20.64 3.85 1.68
CA LEU B 156 -21.83 3.60 0.84
C LEU B 156 -23.06 3.57 1.75
N GLN B 157 -22.88 3.30 3.05
CA GLN B 157 -24.04 3.37 3.98
C GLN B 157 -24.36 4.86 4.24
N ARG B 158 -23.41 5.72 3.87
CA ARG B 158 -23.69 7.17 3.89
C ARG B 158 -24.12 7.53 2.46
N HIS B 159 -24.15 8.83 2.12
CA HIS B 159 -24.50 9.29 0.75
C HIS B 159 -25.86 8.70 0.31
N ARG B 160 -26.63 8.20 1.27
CA ARG B 160 -27.93 7.58 0.94
C ARG B 160 -29.05 8.46 1.49
N PRO B 161 -29.93 9.03 0.65
CA PRO B 161 -31.09 9.75 1.15
C PRO B 161 -32.30 8.79 1.21
N PHE B 173 -26.19 -0.40 -1.26
CA PHE B 173 -25.98 -1.88 -1.15
C PHE B 173 -27.05 -2.72 -1.84
N PRO B 174 -28.04 -2.20 -2.60
CA PRO B 174 -29.10 -3.07 -3.13
C PRO B 174 -28.53 -4.07 -4.15
N SER B 175 -29.25 -5.18 -4.35
CA SER B 175 -28.78 -6.33 -5.17
C SER B 175 -28.77 -5.95 -6.65
N PRO B 176 -27.58 -5.90 -7.31
CA PRO B 176 -27.50 -5.77 -8.75
C PRO B 176 -27.54 -7.14 -9.41
N PRO B 177 -28.40 -7.34 -10.44
CA PRO B 177 -28.47 -8.63 -11.14
C PRO B 177 -27.14 -8.98 -11.81
N GLY B 178 -26.75 -10.25 -11.77
CA GLY B 178 -25.46 -10.75 -12.29
C GLY B 178 -24.43 -10.96 -11.19
N ALA B 179 -24.63 -10.37 -10.00
CA ALA B 179 -23.71 -10.52 -8.85
C ALA B 179 -23.70 -11.99 -8.40
N LYS B 180 -22.57 -12.41 -7.84
CA LYS B 180 -22.38 -13.76 -7.25
C LYS B 180 -21.68 -13.58 -5.91
N PRO B 181 -22.26 -12.81 -4.97
CA PRO B 181 -21.66 -12.67 -3.64
C PRO B 181 -21.47 -14.08 -3.08
N GLU B 182 -22.40 -14.97 -3.45
CA GLU B 182 -22.36 -16.43 -3.19
C GLU B 182 -20.95 -16.97 -3.50
N LEU B 183 -20.36 -16.54 -4.62
CA LEU B 183 -19.04 -17.06 -5.08
C LEU B 183 -17.93 -16.46 -4.23
N TRP B 184 -17.98 -15.16 -3.94
CA TRP B 184 -16.90 -14.44 -3.21
C TRP B 184 -16.82 -14.96 -1.77
N ARG B 185 -17.96 -15.25 -1.14
CA ARG B 185 -18.01 -15.86 0.21
C ARG B 185 -17.34 -17.24 0.18
N ARG B 186 -17.68 -18.07 -0.81
CA ARG B 186 -17.18 -19.46 -0.93
C ARG B 186 -15.67 -19.45 -1.23
N LEU B 187 -15.13 -18.36 -1.77
CA LEU B 187 -13.68 -18.21 -2.04
C LEU B 187 -12.98 -17.51 -0.86
N SER B 188 -13.63 -16.51 -0.25
CA SER B 188 -13.08 -15.78 0.94
C SER B 188 -12.44 -16.77 1.90
N ASP B 189 -13.09 -17.93 2.07
CA ASP B 189 -12.67 -19.03 2.98
C ASP B 189 -11.86 -20.05 2.17
N GLU B 199 -6.84 -20.80 -10.39
CA GLU B 199 -5.72 -19.84 -10.63
C GLU B 199 -6.12 -18.77 -11.68
N THR B 200 -7.35 -18.82 -12.19
CA THR B 200 -8.00 -17.72 -12.97
C THR B 200 -8.77 -16.85 -11.98
N ALA B 201 -9.02 -17.38 -10.77
CA ALA B 201 -9.40 -16.56 -9.59
C ALA B 201 -8.20 -15.72 -9.16
N TRP B 202 -6.99 -16.20 -9.42
CA TRP B 202 -5.72 -15.50 -9.05
C TRP B 202 -5.62 -14.14 -9.76
N HIS B 203 -6.18 -14.01 -10.97
CA HIS B 203 -6.09 -12.78 -11.80
C HIS B 203 -6.78 -11.62 -11.08
N THR B 204 -7.89 -11.89 -10.40
CA THR B 204 -8.71 -10.89 -9.67
C THR B 204 -8.50 -11.10 -8.17
N LEU B 205 -7.25 -11.37 -7.76
CA LEU B 205 -6.87 -11.68 -6.35
C LEU B 205 -7.05 -10.44 -5.48
N GLU B 206 -7.34 -9.27 -6.08
CA GLU B 206 -7.55 -7.98 -5.37
C GLU B 206 -8.96 -7.91 -4.76
N ALA B 207 -9.81 -8.91 -5.00
CA ALA B 207 -11.16 -9.00 -4.39
C ALA B 207 -11.03 -9.34 -2.91
N PHE B 208 -9.94 -10.02 -2.53
CA PHE B 208 -9.66 -10.51 -1.14
C PHE B 208 -8.38 -9.84 -0.61
N HIS B 209 -8.32 -8.51 -0.65
CA HIS B 209 -7.07 -7.70 -0.50
C HIS B 209 -6.18 -8.22 0.62
N PRO B 210 -6.64 -8.27 1.90
CA PRO B 210 -5.81 -8.80 2.97
C PRO B 210 -5.60 -10.33 2.83
N LEU B 211 -4.65 -10.72 1.97
CA LEU B 211 -4.22 -12.13 1.81
C LEU B 211 -3.45 -12.55 3.06
N PRO B 212 -3.92 -13.55 3.84
CA PRO B 212 -3.13 -14.07 4.97
C PRO B 212 -1.92 -14.85 4.47
N GLU B 213 -0.95 -15.10 5.37
CA GLU B 213 0.36 -15.72 5.03
C GLU B 213 0.15 -17.18 4.61
N GLN B 214 -0.89 -17.83 5.15
CA GLN B 214 -1.30 -19.22 4.79
C GLN B 214 -1.55 -19.29 3.27
N PHE B 215 -2.33 -18.34 2.75
CA PHE B 215 -2.83 -18.29 1.35
C PHE B 215 -1.87 -17.51 0.43
N ALA B 216 -1.13 -16.52 0.96
CA ALA B 216 -0.34 -15.56 0.15
C ALA B 216 0.88 -16.25 -0.48
N ALA B 217 1.66 -16.98 0.31
CA ALA B 217 2.88 -17.71 -0.13
C ALA B 217 2.50 -18.97 -0.92
N THR B 218 1.21 -19.34 -0.99
CA THR B 218 0.69 -20.43 -1.84
C THR B 218 0.76 -20.01 -3.32
N VAL B 219 0.83 -18.70 -3.58
CA VAL B 219 0.90 -18.13 -4.96
C VAL B 219 2.37 -17.85 -5.29
N THR B 220 2.78 -18.15 -6.53
CA THR B 220 4.08 -17.72 -7.11
C THR B 220 3.79 -17.02 -8.43
N PRO B 221 4.62 -16.06 -8.87
CA PRO B 221 4.36 -15.30 -10.07
C PRO B 221 5.06 -15.96 -11.26
N ALA B 222 5.03 -15.28 -12.42
CA ALA B 222 5.67 -15.73 -13.68
C ALA B 222 6.96 -14.92 -13.91
N ALA B 223 7.74 -15.29 -14.93
CA ALA B 223 9.05 -14.69 -15.28
C ALA B 223 8.93 -13.18 -15.49
N ASP B 224 7.73 -12.67 -15.81
CA ASP B 224 7.46 -11.21 -16.00
C ASP B 224 7.41 -10.53 -14.63
N GLY B 225 7.26 -11.31 -13.54
CA GLY B 225 7.04 -10.80 -12.18
C GLY B 225 5.58 -10.45 -11.93
N ALA B 226 4.76 -10.46 -12.98
CA ALA B 226 3.30 -10.26 -12.87
C ALA B 226 2.69 -11.55 -12.34
N VAL B 227 1.75 -11.42 -11.41
CA VAL B 227 0.87 -12.54 -10.95
C VAL B 227 -0.36 -12.54 -11.87
N THR B 228 -0.48 -13.58 -12.69
CA THR B 228 -1.60 -13.86 -13.62
C THR B 228 -2.18 -12.54 -14.19
N CYS B 229 -1.33 -11.69 -14.75
CA CYS B 229 -1.65 -10.65 -15.77
C CYS B 229 -2.31 -9.39 -15.17
N SER B 230 -2.39 -9.25 -13.84
CA SER B 230 -3.11 -8.12 -13.19
C SER B 230 -2.21 -7.36 -12.21
N PRO B 231 -2.02 -6.04 -12.43
CA PRO B 231 -1.31 -5.19 -11.48
C PRO B 231 -1.88 -5.25 -10.05
N SER B 232 -3.17 -4.96 -9.88
CA SER B 232 -3.82 -4.88 -8.53
C SER B 232 -3.63 -6.22 -7.82
N SER B 233 -3.84 -7.33 -8.54
CA SER B 233 -3.66 -8.72 -8.04
C SER B 233 -2.24 -8.91 -7.50
N THR B 234 -1.23 -8.75 -8.36
CA THR B 234 0.20 -8.82 -7.98
C THR B 234 0.45 -7.93 -6.75
N ALA B 235 -0.04 -6.68 -6.79
CA ALA B 235 0.10 -5.69 -5.70
C ALA B 235 -0.43 -6.27 -4.38
N ALA B 236 -1.55 -7.01 -4.43
CA ALA B 236 -2.21 -7.64 -3.25
C ALA B 236 -1.31 -8.75 -2.69
N TRP B 237 -0.71 -9.54 -3.59
CA TRP B 237 0.34 -10.55 -3.26
C TRP B 237 1.44 -9.87 -2.44
N VAL B 238 1.97 -8.77 -2.99
CA VAL B 238 3.07 -7.97 -2.39
C VAL B 238 2.66 -7.49 -0.99
N SER B 239 1.42 -7.00 -0.85
CA SER B 239 0.85 -6.51 0.44
C SER B 239 0.10 -7.65 1.15
N GLY B 246 8.42 -9.93 -4.29
CA GLY B 246 9.22 -10.51 -5.38
C GLY B 246 10.30 -9.55 -5.87
N ALA B 247 11.06 -9.96 -6.89
CA ALA B 247 12.23 -9.22 -7.44
C ALA B 247 11.95 -8.78 -8.88
N SER B 248 11.46 -9.70 -9.71
CA SER B 248 10.86 -9.40 -11.04
C SER B 248 9.55 -8.65 -10.84
N THR B 249 8.85 -8.91 -9.74
CA THR B 249 7.51 -8.34 -9.42
C THR B 249 7.67 -6.84 -9.18
N ARG B 250 8.61 -6.44 -8.33
CA ARG B 250 8.85 -5.00 -8.05
C ARG B 250 9.24 -4.29 -9.35
N ALA B 251 10.11 -4.91 -10.16
CA ALA B 251 10.57 -4.37 -11.47
C ALA B 251 9.38 -4.15 -12.39
N TYR B 252 8.46 -5.13 -12.45
CA TYR B 252 7.20 -5.09 -13.25
C TYR B 252 6.24 -4.04 -12.67
N LEU B 253 6.17 -3.92 -11.34
CA LEU B 253 5.28 -2.93 -10.65
C LEU B 253 5.77 -1.52 -10.97
N ASP B 254 7.02 -1.22 -10.62
CA ASP B 254 7.66 0.10 -10.86
C ASP B 254 7.47 0.50 -12.33
N GLU B 255 7.39 -0.47 -13.24
CA GLU B 255 7.17 -0.24 -14.69
C GLU B 255 5.74 0.26 -14.92
N ALA B 256 4.75 -0.46 -14.39
CA ALA B 256 3.32 -0.17 -14.61
C ALA B 256 2.93 1.13 -13.90
N GLN B 257 3.39 1.31 -12.65
CA GLN B 257 3.01 2.49 -11.81
C GLN B 257 3.76 3.73 -12.31
N SER B 258 4.58 3.61 -13.37
CA SER B 258 5.32 4.73 -13.98
C SER B 258 5.02 4.88 -15.48
N ARG B 259 4.81 3.79 -16.22
CA ARG B 259 4.66 3.82 -17.71
C ARG B 259 3.75 4.97 -18.14
N TYR B 260 2.50 4.98 -17.65
CA TYR B 260 1.52 6.01 -18.07
C TYR B 260 1.42 7.13 -17.04
N GLY B 261 2.44 7.29 -16.22
CA GLY B 261 2.42 8.41 -15.26
C GLY B 261 1.43 8.16 -14.15
N GLY B 262 1.52 7.00 -13.51
CA GLY B 262 0.63 6.68 -12.38
C GLY B 262 -0.52 5.84 -12.83
N ALA B 263 -1.24 6.28 -13.86
CA ALA B 263 -2.36 5.52 -14.43
C ALA B 263 -1.95 4.06 -14.60
N ILE B 264 -2.69 3.13 -14.01
CA ILE B 264 -2.28 1.70 -14.00
C ILE B 264 -2.88 0.98 -15.21
N PRO B 265 -2.05 0.36 -16.09
CA PRO B 265 -2.54 -0.39 -17.25
C PRO B 265 -3.56 -1.47 -16.84
N MET B 266 -4.65 -1.60 -17.59
CA MET B 266 -5.74 -2.54 -17.26
C MET B 266 -5.14 -3.94 -17.02
N GLY B 267 -4.39 -4.47 -17.97
CA GLY B 267 -3.66 -5.75 -17.78
C GLY B 267 -2.27 -5.69 -18.34
N SER B 268 -1.60 -6.85 -18.34
CA SER B 268 -0.27 -7.06 -18.97
C SER B 268 -0.07 -8.56 -19.27
N SER B 269 1.12 -8.92 -19.73
CA SER B 269 1.62 -10.31 -19.77
C SER B 269 0.79 -11.14 -20.76
N MET B 270 0.33 -10.51 -21.85
CA MET B 270 -0.40 -11.21 -22.94
C MET B 270 0.28 -10.96 -24.27
N PRO B 271 1.60 -11.20 -24.38
CA PRO B 271 2.33 -10.95 -25.63
C PRO B 271 1.73 -11.70 -26.83
N TYR B 272 1.08 -12.85 -26.59
CA TYR B 272 0.66 -13.78 -27.67
C TYR B 272 -0.60 -13.27 -28.36
N PHE B 273 -1.64 -13.00 -27.58
CA PHE B 273 -2.85 -12.29 -28.04
C PHE B 273 -2.40 -11.04 -28.80
N GLU B 274 -1.54 -10.24 -28.18
CA GLU B 274 -1.07 -8.94 -28.75
C GLU B 274 -0.44 -9.20 -30.11
N VAL B 275 0.58 -10.05 -30.15
CA VAL B 275 1.38 -10.36 -31.38
C VAL B 275 0.48 -11.03 -32.42
N LEU B 276 -0.33 -12.00 -31.99
CA LEU B 276 -1.06 -12.86 -32.95
C LEU B 276 -2.11 -12.04 -33.71
N TRP B 277 -2.76 -11.11 -33.02
CA TRP B 277 -3.80 -10.23 -33.62
C TRP B 277 -3.13 -9.27 -34.60
N VAL B 278 -1.88 -8.88 -34.37
CA VAL B 278 -1.18 -7.87 -35.21
C VAL B 278 -0.69 -8.54 -36.49
N LEU B 279 -0.07 -9.71 -36.34
CA LEU B 279 0.44 -10.54 -37.46
C LEU B 279 -0.72 -10.90 -38.40
N ASN B 280 -1.81 -11.39 -37.82
CA ASN B 280 -2.96 -11.91 -38.62
C ASN B 280 -3.58 -10.77 -39.41
N LEU B 281 -3.67 -9.58 -38.83
CA LEU B 281 -4.13 -8.37 -39.58
C LEU B 281 -3.07 -7.95 -40.60
N VAL B 282 -1.79 -7.91 -40.23
CA VAL B 282 -0.69 -7.48 -41.14
C VAL B 282 -0.72 -8.37 -42.39
N LEU B 283 -0.82 -9.69 -42.20
CA LEU B 283 -0.75 -10.66 -43.34
C LEU B 283 -1.94 -10.47 -44.29
N LYS B 284 -3.11 -10.09 -43.79
CA LYS B 284 -4.31 -9.93 -44.67
C LYS B 284 -4.18 -8.60 -45.44
N TYR B 285 -3.87 -7.50 -44.74
CA TYR B 285 -4.00 -6.11 -45.26
C TYR B 285 -2.65 -5.44 -45.53
N PHE B 286 -1.54 -6.04 -45.10
CA PHE B 286 -0.17 -5.49 -45.28
C PHE B 286 0.78 -6.61 -45.69
N PRO B 287 0.62 -7.17 -46.91
CA PRO B 287 1.62 -8.08 -47.47
C PRO B 287 2.72 -7.22 -48.11
N ASP B 288 3.83 -7.84 -48.51
CA ASP B 288 5.02 -7.14 -49.07
C ASP B 288 5.68 -6.29 -47.99
N VAL B 289 5.12 -6.27 -46.78
CA VAL B 289 5.76 -5.74 -45.53
C VAL B 289 6.26 -6.93 -44.74
N PRO B 290 7.58 -7.24 -44.76
CA PRO B 290 8.09 -8.41 -44.08
C PRO B 290 7.81 -8.40 -42.58
N ILE B 291 7.85 -9.58 -41.96
CA ILE B 291 7.68 -9.75 -40.49
C ILE B 291 9.04 -10.07 -39.89
N PRO B 292 9.47 -9.36 -38.82
CA PRO B 292 10.68 -9.75 -38.09
C PRO B 292 10.57 -11.22 -37.64
N ARG B 293 11.67 -11.96 -37.75
CA ARG B 293 11.71 -13.41 -37.46
C ARG B 293 11.76 -13.65 -35.95
N GLU B 294 12.17 -12.66 -35.15
CA GLU B 294 12.22 -12.80 -33.66
C GLU B 294 10.79 -12.93 -33.11
N ILE B 295 9.79 -12.46 -33.87
CA ILE B 295 8.35 -12.48 -33.48
C ILE B 295 7.80 -13.88 -33.79
N ILE B 296 8.19 -14.42 -34.95
CA ILE B 296 7.90 -15.83 -35.36
C ILE B 296 8.55 -16.79 -34.36
N GLU B 297 9.79 -16.52 -33.95
CA GLU B 297 10.52 -17.41 -33.00
C GLU B 297 9.87 -17.33 -31.62
N GLU B 298 9.30 -16.18 -31.27
CA GLU B 298 8.54 -15.96 -30.01
C GLU B 298 7.26 -16.79 -30.01
N ILE B 299 6.50 -16.83 -31.11
CA ILE B 299 5.21 -17.56 -31.18
C ILE B 299 5.50 -19.07 -31.16
N ALA B 300 6.49 -19.52 -31.93
CA ALA B 300 6.98 -20.92 -31.94
C ALA B 300 7.35 -21.34 -30.52
N ALA B 301 8.06 -20.47 -29.78
CA ALA B 301 8.46 -20.70 -28.36
C ALA B 301 7.19 -20.93 -27.52
N GLY B 302 6.20 -20.05 -27.68
CA GLY B 302 4.91 -20.15 -26.96
C GLY B 302 4.13 -21.38 -27.34
N PHE B 303 4.15 -21.77 -28.62
CA PHE B 303 3.32 -22.89 -29.15
C PHE B 303 3.89 -24.23 -28.68
N SER B 304 3.06 -24.98 -27.98
CA SER B 304 3.46 -26.31 -27.47
C SER B 304 2.66 -27.38 -28.21
N GLU B 305 2.25 -28.42 -27.50
CA GLU B 305 1.40 -29.50 -28.08
C GLU B 305 -0.04 -29.32 -27.59
N SER B 306 -0.24 -28.57 -26.50
CA SER B 306 -1.57 -28.27 -25.92
C SER B 306 -2.15 -27.00 -26.56
N GLY B 307 -1.33 -26.32 -27.37
CA GLY B 307 -1.70 -25.07 -28.07
C GLY B 307 -0.86 -23.88 -27.59
N ILE B 308 -1.45 -22.69 -27.62
CA ILE B 308 -0.87 -21.43 -27.07
C ILE B 308 -2.01 -20.68 -26.38
N GLY B 309 -1.68 -19.80 -25.44
CA GLY B 309 -2.64 -19.02 -24.65
C GLY B 309 -2.50 -17.53 -24.92
N GLY B 310 -3.07 -16.70 -24.04
CA GLY B 310 -2.98 -15.24 -24.12
C GLY B 310 -1.57 -14.76 -23.80
N GLY B 311 -0.82 -15.60 -23.11
CA GLY B 311 0.59 -15.32 -22.75
C GLY B 311 1.24 -16.53 -22.10
N PRO B 312 2.53 -16.44 -21.73
CA PRO B 312 3.15 -17.44 -20.87
C PRO B 312 2.59 -17.18 -19.46
N GLY B 313 2.30 -18.23 -18.69
CA GLY B 313 1.65 -18.05 -17.39
C GLY B 313 0.14 -17.85 -17.56
N LEU B 314 -0.37 -18.16 -18.75
CA LEU B 314 -1.81 -18.31 -19.02
C LEU B 314 -2.01 -19.69 -19.64
N PRO B 315 -3.11 -20.41 -19.30
CA PRO B 315 -3.39 -21.70 -19.94
C PRO B 315 -3.65 -21.56 -21.44
N PRO B 316 -3.41 -22.62 -22.26
CA PRO B 316 -3.80 -22.60 -23.67
C PRO B 316 -5.28 -22.24 -23.84
N ASP B 317 -5.60 -21.65 -24.98
CA ASP B 317 -7.00 -21.29 -25.30
C ASP B 317 -7.20 -21.47 -26.81
N GLY B 318 -8.45 -21.58 -27.25
CA GLY B 318 -8.73 -21.84 -28.68
C GLY B 318 -8.72 -20.62 -29.58
N ASP B 319 -8.58 -19.42 -29.02
CA ASP B 319 -8.49 -18.18 -29.85
C ASP B 319 -7.04 -18.02 -30.32
N ASP B 320 -6.10 -17.99 -29.39
CA ASP B 320 -4.66 -17.82 -29.74
C ASP B 320 -4.19 -19.06 -30.50
N THR B 321 -4.74 -20.23 -30.20
CA THR B 321 -4.31 -21.48 -30.87
C THR B 321 -4.78 -21.43 -32.32
N ALA B 322 -6.02 -21.02 -32.54
CA ALA B 322 -6.60 -20.91 -33.89
C ALA B 322 -5.79 -19.90 -34.70
N TYR B 323 -5.34 -18.82 -34.05
CA TYR B 323 -4.70 -17.65 -34.71
C TYR B 323 -3.18 -17.86 -34.82
N ALA B 324 -2.56 -18.52 -33.84
CA ALA B 324 -1.21 -19.13 -33.98
C ALA B 324 -1.19 -20.04 -35.21
N ASN B 325 -2.23 -20.85 -35.40
CA ASN B 325 -2.28 -21.85 -36.50
C ASN B 325 -2.55 -21.15 -37.83
N LEU B 326 -3.42 -20.14 -37.85
CA LEU B 326 -3.76 -19.39 -39.09
C LEU B 326 -2.50 -18.71 -39.62
N ALA B 327 -1.85 -17.93 -38.75
CA ALA B 327 -0.63 -17.13 -39.05
C ALA B 327 0.53 -18.05 -39.50
N GLY B 328 0.79 -19.15 -38.80
CA GLY B 328 1.88 -20.07 -39.15
C GLY B 328 1.72 -20.64 -40.54
N ASP B 329 0.49 -20.98 -40.93
CA ASP B 329 0.20 -21.68 -42.21
C ASP B 329 0.31 -20.70 -43.37
N LYS B 330 -0.23 -19.50 -43.19
CA LYS B 330 -0.13 -18.46 -44.23
C LYS B 330 1.36 -18.20 -44.49
N LEU B 331 2.23 -18.56 -43.54
CA LEU B 331 3.70 -18.39 -43.71
C LEU B 331 4.31 -19.71 -44.17
N GLY B 332 3.61 -20.45 -45.04
CA GLY B 332 4.13 -21.69 -45.67
C GLY B 332 4.69 -22.73 -44.73
N ALA B 333 4.15 -22.84 -43.53
CA ALA B 333 4.73 -23.78 -42.55
C ALA B 333 3.70 -24.85 -42.17
N PRO B 334 4.13 -26.09 -41.85
CA PRO B 334 3.22 -27.14 -41.40
C PRO B 334 2.46 -26.80 -40.10
N THR B 335 1.13 -26.83 -40.16
CA THR B 335 0.31 -26.56 -38.94
C THR B 335 -0.45 -27.80 -38.51
N HIS B 336 -0.97 -27.81 -37.28
CA HIS B 336 -1.60 -29.03 -36.70
C HIS B 336 -3.05 -28.74 -36.30
N PRO B 337 -4.05 -28.93 -37.19
CA PRO B 337 -5.45 -28.72 -36.82
C PRO B 337 -5.84 -29.61 -35.63
N GLU B 338 -5.23 -30.79 -35.54
CA GLU B 338 -5.43 -31.75 -34.41
C GLU B 338 -5.19 -31.04 -33.08
N ILE B 339 -4.35 -30.00 -33.05
CA ILE B 339 -4.07 -29.24 -31.80
C ILE B 339 -5.30 -28.39 -31.43
N LEU B 340 -5.94 -27.77 -32.43
CA LEU B 340 -7.14 -26.91 -32.22
C LEU B 340 -8.30 -27.79 -31.76
N MET B 341 -8.34 -29.05 -32.22
CA MET B 341 -9.43 -30.00 -31.88
C MET B 341 -9.43 -30.28 -30.38
N LYS B 342 -8.31 -29.99 -29.68
CA LYS B 342 -8.23 -30.01 -28.18
C LYS B 342 -9.10 -28.92 -27.56
N PHE B 343 -9.74 -28.07 -28.38
CA PHE B 343 -10.70 -27.04 -27.93
C PHE B 343 -12.05 -27.26 -28.63
N TRP B 344 -12.27 -28.46 -29.14
CA TRP B 344 -13.57 -28.86 -29.73
C TRP B 344 -14.42 -29.53 -28.64
N ALA B 345 -15.69 -29.12 -28.55
CA ALA B 345 -16.63 -29.54 -27.50
C ALA B 345 -17.94 -29.96 -28.17
N GLU B 346 -17.84 -30.86 -29.15
CA GLU B 346 -18.98 -31.52 -29.85
C GLU B 346 -19.64 -30.53 -30.81
N ASP B 347 -20.25 -29.46 -30.30
CA ASP B 347 -21.05 -28.48 -31.09
C ASP B 347 -20.15 -27.36 -31.62
N HIS B 348 -19.24 -26.85 -30.78
CA HIS B 348 -18.49 -25.60 -31.02
C HIS B 348 -17.09 -25.70 -30.41
N PHE B 349 -16.23 -24.75 -30.77
CA PHE B 349 -14.89 -24.53 -30.15
C PHE B 349 -15.04 -23.71 -28.86
N VAL B 350 -14.27 -24.06 -27.84
CA VAL B 350 -14.21 -23.32 -26.54
C VAL B 350 -12.92 -22.52 -26.51
N SER B 351 -12.91 -21.43 -25.73
CA SER B 351 -11.71 -20.65 -25.38
C SER B 351 -10.85 -21.49 -24.45
N TYR B 352 -11.32 -21.69 -23.22
CA TYR B 352 -10.68 -22.52 -22.18
C TYR B 352 -11.57 -23.73 -21.92
N PRO B 353 -11.03 -24.97 -21.92
CA PRO B 353 -11.81 -26.14 -21.50
C PRO B 353 -12.43 -25.89 -20.11
N GLY B 354 -13.73 -26.16 -19.98
CA GLY B 354 -14.54 -25.67 -18.84
C GLY B 354 -14.93 -24.23 -19.09
N GLU B 355 -15.84 -24.03 -20.04
CA GLU B 355 -16.30 -22.70 -20.49
C GLU B 355 -17.66 -22.44 -19.85
N GLN B 356 -17.70 -21.45 -18.95
CA GLN B 356 -18.96 -20.93 -18.37
C GLN B 356 -19.82 -20.43 -19.53
N THR B 357 -19.29 -19.49 -20.31
CA THR B 357 -19.99 -18.88 -21.47
C THR B 357 -19.18 -19.09 -22.73
N PRO B 358 -19.80 -19.61 -23.82
CA PRO B 358 -19.11 -19.85 -25.09
C PRO B 358 -18.74 -18.54 -25.82
N SER B 359 -17.80 -18.62 -26.76
CA SER B 359 -17.22 -17.45 -27.47
C SER B 359 -17.39 -17.60 -28.98
N GLU B 360 -18.17 -16.69 -29.54
CA GLU B 360 -18.58 -16.63 -30.97
C GLU B 360 -17.37 -16.26 -31.85
N THR B 361 -16.38 -15.53 -31.32
CA THR B 361 -15.18 -15.09 -32.09
C THR B 361 -14.13 -16.21 -32.13
N VAL B 362 -14.01 -17.02 -31.08
CA VAL B 362 -13.15 -18.25 -31.08
C VAL B 362 -13.63 -19.15 -32.22
N ASN B 363 -14.94 -19.29 -32.37
CA ASN B 363 -15.55 -20.21 -33.38
C ASN B 363 -15.36 -19.61 -34.76
N ALA B 364 -15.52 -18.30 -34.91
CA ALA B 364 -15.24 -17.59 -36.17
C ALA B 364 -13.76 -17.80 -36.54
N HIS B 365 -12.86 -17.68 -35.56
CA HIS B 365 -11.39 -17.74 -35.81
C HIS B 365 -11.00 -19.17 -36.13
N ALA B 366 -11.43 -20.12 -35.29
CA ALA B 366 -11.23 -21.57 -35.55
C ALA B 366 -11.74 -21.89 -36.96
N LEU B 367 -12.95 -21.45 -37.30
CA LEU B 367 -13.57 -21.81 -38.60
C LEU B 367 -12.77 -21.16 -39.74
N GLU B 368 -12.39 -19.88 -39.55
CA GLU B 368 -11.55 -19.15 -40.53
C GLU B 368 -10.30 -19.98 -40.85
N TYR B 369 -9.70 -20.62 -39.85
CA TYR B 369 -8.45 -21.41 -40.02
C TYR B 369 -8.71 -22.73 -40.76
N LEU B 370 -9.81 -23.41 -40.42
CA LEU B 370 -10.28 -24.62 -41.14
C LEU B 370 -10.55 -24.29 -42.61
N ASN B 371 -11.08 -23.08 -42.90
CA ASN B 371 -11.28 -22.58 -44.28
C ASN B 371 -9.92 -22.45 -44.98
N HIS B 372 -8.97 -21.75 -44.35
CA HIS B 372 -7.61 -21.65 -44.91
C HIS B 372 -7.11 -23.07 -45.16
N LEU B 373 -7.22 -23.94 -44.15
CA LEU B 373 -6.75 -25.36 -44.28
C LEU B 373 -7.41 -26.04 -45.49
N ARG B 374 -8.69 -25.76 -45.75
CA ARG B 374 -9.46 -26.46 -46.82
C ARG B 374 -9.09 -25.92 -48.21
N LEU B 375 -8.82 -24.61 -48.35
CA LEU B 375 -8.65 -23.96 -49.68
C LEU B 375 -7.16 -23.76 -50.02
N ARG B 376 -6.24 -23.89 -49.06
CA ARG B 376 -4.78 -23.58 -49.29
C ARG B 376 -3.88 -24.76 -48.88
N ARG B 377 -4.38 -25.72 -48.08
CA ARG B 377 -3.63 -26.96 -47.72
C ARG B 377 -4.34 -28.19 -48.29
N GLY B 378 -5.27 -28.01 -49.22
CA GLY B 378 -5.89 -29.13 -49.94
C GLY B 378 -7.05 -29.75 -49.17
N ILE B 379 -6.87 -30.98 -48.69
CA ILE B 379 -7.98 -31.94 -48.39
C ILE B 379 -8.85 -31.41 -47.23
N ALA B 380 -10.12 -31.84 -47.21
CA ALA B 380 -11.16 -31.49 -46.22
C ALA B 380 -11.45 -32.70 -45.33
N GLU B 381 -10.55 -32.99 -44.40
CA GLU B 381 -10.69 -34.09 -43.39
C GLU B 381 -11.68 -33.61 -42.31
N TYR B 382 -11.69 -32.32 -42.04
CA TYR B 382 -12.42 -31.72 -40.89
C TYR B 382 -13.77 -31.12 -41.33
N GLY B 383 -14.35 -31.66 -42.41
CA GLY B 383 -15.56 -31.09 -43.06
C GLY B 383 -16.77 -31.05 -42.13
N ALA B 384 -17.01 -32.12 -41.36
CA ALA B 384 -18.22 -32.24 -40.51
C ALA B 384 -18.11 -31.31 -39.29
N VAL B 385 -16.89 -31.07 -38.81
CA VAL B 385 -16.62 -30.11 -37.70
C VAL B 385 -16.73 -28.67 -38.25
N GLU B 386 -16.34 -28.48 -39.52
CA GLU B 386 -16.56 -27.22 -40.27
C GLU B 386 -18.04 -26.84 -40.19
N ASP B 387 -18.89 -27.72 -40.72
CA ASP B 387 -20.37 -27.59 -40.76
C ASP B 387 -20.90 -27.30 -39.35
N ALA B 388 -20.61 -28.17 -38.39
CA ALA B 388 -21.10 -28.08 -36.99
C ALA B 388 -20.76 -26.71 -36.42
N CYS B 389 -19.54 -26.24 -36.68
CA CYS B 389 -19.04 -24.94 -36.17
C CYS B 389 -19.77 -23.81 -36.91
N ALA B 390 -19.91 -23.89 -38.23
CA ALA B 390 -20.67 -22.88 -39.00
C ALA B 390 -22.11 -22.88 -38.46
N GLU B 391 -22.70 -24.06 -38.30
CA GLU B 391 -24.11 -24.18 -37.85
C GLU B 391 -24.23 -23.45 -36.51
N TRP B 392 -23.24 -23.63 -35.63
CA TRP B 392 -23.25 -23.05 -34.26
C TRP B 392 -23.17 -21.52 -34.32
N VAL B 393 -22.37 -20.97 -35.22
CA VAL B 393 -22.12 -19.51 -35.30
C VAL B 393 -23.41 -18.82 -35.74
N ILE B 394 -24.07 -19.36 -36.77
CA ILE B 394 -25.37 -18.86 -37.28
C ILE B 394 -26.37 -18.82 -36.12
N SER B 395 -26.35 -19.86 -35.28
CA SER B 395 -27.30 -20.08 -34.15
C SER B 395 -27.06 -19.09 -33.00
N GLN B 396 -26.07 -18.20 -33.11
CA GLN B 396 -25.81 -17.13 -32.09
C GLN B 396 -26.07 -15.74 -32.69
N GLN B 397 -26.54 -15.66 -33.94
CA GLN B 397 -26.82 -14.36 -34.62
C GLN B 397 -28.06 -13.72 -34.00
N THR B 398 -27.98 -12.43 -33.63
CA THR B 398 -29.08 -11.68 -32.98
C THR B 398 -30.15 -11.37 -34.03
N GLU B 399 -31.36 -11.04 -33.58
CA GLU B 399 -32.52 -10.74 -34.45
C GLU B 399 -32.22 -9.59 -35.44
N ASP B 400 -31.29 -8.68 -35.10
CA ASP B 400 -30.96 -7.48 -35.93
C ASP B 400 -30.00 -7.86 -37.06
N GLY B 401 -29.36 -9.03 -36.98
CA GLY B 401 -28.44 -9.54 -38.01
C GLY B 401 -26.98 -9.47 -37.59
N CYS B 402 -26.70 -9.11 -36.34
CA CYS B 402 -25.32 -8.98 -35.83
C CYS B 402 -25.02 -10.02 -34.76
N TRP B 403 -23.74 -10.18 -34.45
CA TRP B 403 -23.23 -11.04 -33.36
C TRP B 403 -22.58 -10.17 -32.31
N TYR B 404 -22.68 -10.60 -31.06
CA TYR B 404 -21.76 -10.14 -30.00
C TYR B 404 -20.74 -11.24 -29.73
N ASP B 405 -20.03 -11.08 -28.62
CA ASP B 405 -18.88 -11.93 -28.22
C ASP B 405 -18.54 -11.56 -26.77
N LYS B 406 -17.98 -12.50 -26.01
CA LYS B 406 -17.68 -12.27 -24.58
C LYS B 406 -16.40 -11.45 -24.39
N TRP B 407 -15.50 -11.37 -25.38
CA TRP B 407 -14.13 -10.82 -25.20
C TRP B 407 -14.01 -9.35 -25.69
N ASN B 408 -14.91 -8.89 -26.58
CA ASN B 408 -14.98 -7.47 -27.04
C ASN B 408 -16.43 -6.99 -27.03
N VAL B 409 -16.70 -5.74 -26.62
CA VAL B 409 -18.09 -5.25 -26.40
C VAL B 409 -18.77 -4.82 -27.70
N SER B 410 -18.03 -4.48 -28.76
CA SER B 410 -18.63 -3.95 -30.00
C SER B 410 -19.13 -5.12 -30.83
N PRO B 411 -20.39 -5.10 -31.29
CA PRO B 411 -20.87 -6.14 -32.19
C PRO B 411 -20.03 -6.09 -33.48
N TYR B 412 -19.41 -4.96 -33.76
CA TYR B 412 -18.65 -4.72 -35.01
C TYR B 412 -17.39 -5.60 -35.04
N TYR B 413 -16.79 -5.92 -33.88
CA TYR B 413 -15.60 -6.82 -33.83
C TYR B 413 -16.04 -8.26 -34.16
N SER B 414 -17.05 -8.76 -33.46
CA SER B 414 -17.57 -10.15 -33.62
C SER B 414 -18.21 -10.30 -35.00
N THR B 415 -18.93 -9.28 -35.47
CA THR B 415 -19.68 -9.36 -36.74
C THR B 415 -18.69 -9.57 -37.88
N ALA B 416 -17.61 -8.78 -37.90
CA ALA B 416 -16.58 -8.88 -38.97
C ALA B 416 -15.97 -10.30 -38.99
N ALA B 417 -15.68 -10.88 -37.83
CA ALA B 417 -14.98 -12.19 -37.74
C ALA B 417 -15.90 -13.33 -38.22
N CYS B 418 -17.17 -13.35 -37.79
CA CYS B 418 -18.19 -14.34 -38.24
C CYS B 418 -18.38 -14.21 -39.76
N VAL B 419 -18.61 -12.99 -40.24
CA VAL B 419 -18.72 -12.72 -41.71
C VAL B 419 -17.51 -13.32 -42.42
N GLU B 420 -16.28 -12.97 -42.00
CA GLU B 420 -15.03 -13.54 -42.56
C GLU B 420 -15.16 -15.06 -42.57
N ALA B 421 -15.50 -15.63 -41.43
CA ALA B 421 -15.61 -17.08 -41.22
C ALA B 421 -16.62 -17.65 -42.24
N LEU B 422 -17.83 -17.10 -42.26
CA LEU B 422 -18.99 -17.71 -42.98
C LEU B 422 -18.85 -17.59 -44.51
N LEU B 423 -18.16 -16.57 -45.03
CA LEU B 423 -18.12 -16.31 -46.49
C LEU B 423 -17.41 -17.46 -47.21
N ASP B 424 -16.59 -18.24 -46.50
CA ASP B 424 -15.70 -19.27 -47.09
C ASP B 424 -16.01 -20.66 -46.51
N ALA B 425 -17.09 -20.79 -45.74
CA ALA B 425 -17.60 -22.06 -45.16
C ALA B 425 -18.13 -22.94 -46.28
N ARG B 426 -17.67 -24.20 -46.32
CA ARG B 426 -17.79 -25.08 -47.51
C ARG B 426 -19.25 -25.18 -47.96
N LYS B 427 -20.19 -25.46 -47.04
CA LYS B 427 -21.61 -25.73 -47.39
C LYS B 427 -22.26 -24.64 -48.25
N GLN B 428 -22.02 -23.36 -47.97
CA GLN B 428 -22.68 -22.25 -48.71
C GLN B 428 -24.18 -22.57 -48.81
N ASP B 429 -24.79 -22.99 -47.70
CA ASP B 429 -26.22 -23.37 -47.66
C ASP B 429 -27.11 -22.14 -47.63
N GLU B 430 -28.43 -22.34 -47.75
CA GLU B 430 -29.38 -21.20 -47.67
C GLU B 430 -29.33 -20.57 -46.27
N PRO B 431 -29.31 -21.32 -45.14
CA PRO B 431 -29.10 -20.70 -43.83
C PRO B 431 -27.81 -19.85 -43.75
N GLN B 432 -26.70 -20.37 -44.30
CA GLN B 432 -25.39 -19.67 -44.32
C GLN B 432 -25.52 -18.36 -45.12
N LEU B 433 -26.09 -18.44 -46.32
CA LEU B 433 -26.25 -17.26 -47.21
C LEU B 433 -27.25 -16.29 -46.55
N ASP B 434 -28.32 -16.82 -45.96
CA ASP B 434 -29.32 -15.99 -45.22
C ASP B 434 -28.63 -15.21 -44.10
N SER B 435 -27.85 -15.91 -43.28
CA SER B 435 -27.07 -15.34 -42.15
C SER B 435 -26.23 -14.15 -42.66
N LEU B 436 -25.60 -14.33 -43.82
CA LEU B 436 -24.61 -13.36 -44.37
C LEU B 436 -25.33 -12.15 -44.96
N ARG B 437 -26.41 -12.38 -45.70
CA ARG B 437 -27.36 -11.32 -46.13
C ARG B 437 -27.77 -10.51 -44.89
N ARG B 438 -28.18 -11.20 -43.82
CA ARG B 438 -28.69 -10.55 -42.57
C ARG B 438 -27.57 -9.72 -41.91
N ALA B 439 -26.32 -10.19 -41.97
CA ALA B 439 -25.14 -9.46 -41.45
C ALA B 439 -24.84 -8.28 -42.38
N ARG B 440 -24.68 -8.58 -43.68
CA ARG B 440 -24.31 -7.57 -44.70
C ARG B 440 -25.28 -6.40 -44.57
N GLU B 441 -26.57 -6.72 -44.54
CA GLU B 441 -27.70 -5.79 -44.44
C GLU B 441 -27.58 -4.96 -43.15
N TRP B 442 -27.13 -5.56 -42.06
CA TRP B 442 -27.02 -4.87 -40.73
C TRP B 442 -25.88 -3.83 -40.75
N LEU B 443 -24.84 -4.04 -41.56
CA LEU B 443 -23.70 -3.11 -41.70
C LEU B 443 -24.17 -1.82 -42.41
N LEU B 444 -24.81 -1.97 -43.58
CA LEU B 444 -25.25 -0.82 -44.41
C LEU B 444 -26.23 0.06 -43.59
N ARG B 445 -27.03 -0.56 -42.73
CA ARG B 445 -28.13 0.13 -42.03
C ARG B 445 -27.59 1.16 -41.04
N HIS B 446 -26.49 0.82 -40.37
CA HIS B 446 -25.98 1.57 -39.19
C HIS B 446 -24.91 2.59 -39.61
N GLN B 447 -24.50 2.61 -40.88
CA GLN B 447 -23.53 3.65 -41.34
C GLN B 447 -24.15 5.01 -41.06
N THR B 448 -23.40 5.83 -40.32
CA THR B 448 -23.77 7.21 -39.91
C THR B 448 -23.56 8.15 -41.10
N ASP B 449 -24.00 9.41 -40.95
CA ASP B 449 -23.88 10.45 -41.99
C ASP B 449 -22.40 10.87 -42.13
N SER B 450 -21.57 10.61 -41.10
CA SER B 450 -20.10 10.82 -41.15
C SER B 450 -19.43 9.72 -42.00
N GLY B 451 -20.09 8.57 -42.16
CA GLY B 451 -19.59 7.43 -42.99
C GLY B 451 -18.91 6.39 -42.14
N GLY B 452 -19.05 6.50 -40.82
CA GLY B 452 -18.41 5.60 -39.84
C GLY B 452 -19.44 4.67 -39.21
N TRP B 453 -18.97 3.88 -38.23
CA TRP B 453 -19.81 2.87 -37.53
C TRP B 453 -19.42 2.80 -36.05
N GLY B 454 -20.34 2.39 -35.19
CA GLY B 454 -20.10 2.33 -33.73
C GLY B 454 -21.30 1.83 -32.95
N MET B 455 -21.09 1.26 -31.76
CA MET B 455 -22.19 0.73 -30.92
C MET B 455 -22.98 1.88 -30.31
N ALA B 456 -22.25 2.95 -30.06
CA ALA B 456 -22.86 4.19 -29.58
C ALA B 456 -22.42 5.24 -30.58
N GLU B 457 -21.19 5.66 -30.43
CA GLU B 457 -20.72 6.80 -31.26
C GLU B 457 -19.71 6.25 -32.28
N PRO B 458 -19.83 6.60 -33.57
CA PRO B 458 -18.94 6.08 -34.61
C PRO B 458 -17.45 6.14 -34.21
N SER B 459 -16.74 5.02 -34.31
CA SER B 459 -15.33 4.93 -33.84
C SER B 459 -14.42 4.39 -34.95
N PRO B 460 -13.17 4.90 -35.06
CA PRO B 460 -12.22 4.37 -36.03
C PRO B 460 -11.99 2.86 -35.93
N GLU B 461 -11.92 2.31 -34.71
CA GLU B 461 -11.78 0.84 -34.50
C GLU B 461 -13.01 0.13 -35.09
N GLU B 462 -14.22 0.59 -34.80
CA GLU B 462 -15.46 -0.11 -35.23
C GLU B 462 -15.61 0.09 -36.75
N THR B 463 -15.41 1.33 -37.22
CA THR B 463 -15.47 1.69 -38.66
C THR B 463 -14.52 0.77 -39.44
N ALA B 464 -13.33 0.51 -38.93
CA ALA B 464 -12.36 -0.42 -39.56
C ALA B 464 -13.02 -1.79 -39.72
N TYR B 465 -13.62 -2.34 -38.65
CA TYR B 465 -14.24 -3.69 -38.72
C TYR B 465 -15.32 -3.71 -39.80
N ALA B 466 -16.24 -2.74 -39.78
CA ALA B 466 -17.33 -2.61 -40.77
C ALA B 466 -16.73 -2.60 -42.19
N VAL B 467 -15.73 -1.73 -42.40
CA VAL B 467 -14.99 -1.57 -43.68
C VAL B 467 -14.43 -2.93 -44.13
N MET B 468 -13.80 -3.67 -43.21
CA MET B 468 -13.13 -4.94 -43.54
C MET B 468 -14.16 -5.97 -44.00
N ALA B 469 -15.31 -6.04 -43.33
CA ALA B 469 -16.39 -7.02 -43.61
C ALA B 469 -17.11 -6.67 -44.91
N LEU B 470 -17.30 -5.37 -45.21
CA LEU B 470 -17.96 -4.91 -46.45
C LEU B 470 -17.04 -5.14 -47.64
N ASP B 471 -15.74 -4.91 -47.43
CA ASP B 471 -14.66 -5.18 -48.41
C ASP B 471 -14.75 -6.65 -48.86
N LEU B 472 -15.12 -7.57 -47.95
CA LEU B 472 -15.15 -9.04 -48.22
C LEU B 472 -16.39 -9.41 -49.05
N PHE B 473 -17.54 -8.82 -48.73
CA PHE B 473 -18.80 -8.96 -49.53
C PHE B 473 -18.55 -8.44 -50.95
N ALA B 474 -17.98 -7.24 -51.09
CA ALA B 474 -17.79 -6.55 -52.39
C ALA B 474 -16.84 -7.35 -53.28
N SER B 475 -15.76 -7.90 -52.68
CA SER B 475 -14.73 -8.71 -53.38
C SER B 475 -15.32 -10.03 -53.90
N ARG B 476 -16.55 -10.39 -53.50
CA ARG B 476 -17.24 -11.63 -53.95
C ARG B 476 -18.12 -11.38 -55.19
N GLY B 477 -18.74 -10.21 -55.31
CA GLY B 477 -19.66 -9.86 -56.42
C GLY B 477 -21.12 -10.19 -56.11
N GLY B 478 -22.04 -9.62 -56.90
CA GLY B 478 -23.46 -10.01 -56.93
C GLY B 478 -24.33 -9.13 -56.06
N LYS B 479 -25.37 -9.72 -55.44
CA LYS B 479 -26.34 -9.03 -54.54
C LYS B 479 -25.57 -8.38 -53.38
N GLY B 480 -25.58 -7.05 -53.33
CA GLY B 480 -24.90 -6.23 -52.31
C GLY B 480 -23.58 -5.67 -52.79
N ALA B 481 -22.89 -6.36 -53.71
CA ALA B 481 -21.46 -6.12 -54.06
C ALA B 481 -21.20 -4.64 -54.36
N GLU B 482 -22.21 -3.91 -54.82
CA GLU B 482 -22.07 -2.49 -55.26
C GLU B 482 -22.39 -1.52 -54.12
N GLU B 483 -23.57 -1.64 -53.52
CA GLU B 483 -23.94 -0.84 -52.33
C GLU B 483 -22.83 -1.00 -51.28
N CYS B 484 -22.30 -2.22 -51.15
CA CYS B 484 -21.17 -2.55 -50.24
C CYS B 484 -19.99 -1.61 -50.51
N ALA B 485 -19.51 -1.56 -51.75
CA ALA B 485 -18.34 -0.74 -52.16
C ALA B 485 -18.63 0.74 -51.89
N ALA B 486 -19.88 1.16 -52.04
CA ALA B 486 -20.31 2.57 -51.89
C ALA B 486 -20.28 2.94 -50.40
N ALA B 487 -20.76 2.09 -49.50
CA ALA B 487 -20.67 2.33 -48.03
C ALA B 487 -19.21 2.55 -47.65
N ILE B 488 -18.29 1.77 -48.24
CA ILE B 488 -16.82 1.83 -47.99
C ILE B 488 -16.28 3.18 -48.46
N SER B 489 -16.70 3.66 -49.64
CA SER B 489 -16.20 4.95 -50.20
C SER B 489 -16.61 6.10 -49.29
N ARG B 490 -17.81 6.04 -48.74
CA ARG B 490 -18.33 7.03 -47.75
C ARG B 490 -17.44 6.98 -46.49
N ALA B 491 -16.89 5.80 -46.16
CA ALA B 491 -16.03 5.60 -44.97
C ALA B 491 -14.73 6.38 -45.11
N LYS B 492 -14.28 6.64 -46.35
CA LYS B 492 -13.00 7.35 -46.62
C LYS B 492 -12.98 8.71 -45.94
N GLU B 493 -14.08 9.47 -46.04
CA GLU B 493 -14.21 10.80 -45.39
C GLU B 493 -14.04 10.63 -43.88
N PHE B 494 -14.59 9.56 -43.30
CA PHE B 494 -14.59 9.34 -41.83
C PHE B 494 -13.14 9.30 -41.32
N PHE B 495 -12.24 8.62 -42.03
CA PHE B 495 -10.86 8.36 -41.54
C PHE B 495 -9.88 9.53 -41.74
N LYS B 496 -10.26 10.54 -42.54
CA LYS B 496 -9.39 11.72 -42.77
C LYS B 496 -9.42 12.62 -41.53
N ASP B 497 -10.47 12.59 -40.71
CA ASP B 497 -10.44 13.30 -39.40
C ASP B 497 -9.61 12.45 -38.44
N GLU B 498 -8.41 12.91 -38.07
CA GLU B 498 -7.50 12.06 -37.26
C GLU B 498 -7.53 12.47 -35.78
N SER B 499 -8.45 13.34 -35.39
CA SER B 499 -8.60 13.68 -33.95
C SER B 499 -9.54 12.68 -33.31
N ARG B 500 -10.11 11.77 -34.12
CA ARG B 500 -11.14 10.85 -33.60
C ARG B 500 -10.57 9.99 -32.48
N GLU B 501 -11.17 10.07 -31.30
CA GLU B 501 -10.69 9.34 -30.11
C GLU B 501 -11.05 7.85 -30.18
N ASN B 502 -10.31 7.03 -29.43
CA ASN B 502 -10.60 5.58 -29.37
C ASN B 502 -11.33 5.29 -28.08
N PRO B 503 -12.52 4.63 -28.12
CA PRO B 503 -13.14 4.11 -26.91
C PRO B 503 -12.59 2.73 -26.54
N PRO B 504 -12.45 2.41 -25.23
CA PRO B 504 -12.03 1.07 -24.81
C PRO B 504 -13.14 0.04 -25.07
N LEU B 505 -12.86 -0.95 -25.92
CA LEU B 505 -13.89 -1.89 -26.41
C LEU B 505 -13.59 -3.35 -26.07
N TRP B 506 -12.36 -3.69 -25.67
CA TRP B 506 -12.04 -5.09 -25.29
C TRP B 506 -12.35 -5.30 -23.80
N MET B 507 -12.85 -6.49 -23.48
CA MET B 507 -13.56 -6.79 -22.22
C MET B 507 -12.60 -7.46 -21.22
N GLY B 508 -12.14 -6.69 -20.24
CA GLY B 508 -11.27 -7.19 -19.14
C GLY B 508 -12.00 -7.17 -17.82
N LYS B 509 -11.31 -6.79 -16.75
CA LYS B 509 -11.97 -6.56 -15.43
C LYS B 509 -12.74 -5.24 -15.53
N ASP B 510 -12.13 -4.24 -16.18
CA ASP B 510 -12.78 -3.04 -16.81
C ASP B 510 -12.57 -3.17 -18.31
N LEU B 511 -13.17 -2.30 -19.14
CA LEU B 511 -12.89 -2.27 -20.60
C LEU B 511 -11.55 -1.59 -20.86
N TYR B 512 -10.89 -1.94 -21.96
CA TYR B 512 -9.56 -1.38 -22.33
C TYR B 512 -9.34 -1.36 -23.84
N THR B 513 -8.28 -0.64 -24.22
CA THR B 513 -7.73 -0.56 -25.60
C THR B 513 -6.38 -1.27 -25.61
N PRO B 514 -6.24 -2.32 -26.44
CA PRO B 514 -4.93 -2.84 -26.81
C PRO B 514 -4.33 -1.92 -27.89
N PHE B 515 -3.56 -0.93 -27.43
CA PHE B 515 -2.94 0.13 -28.26
C PHE B 515 -2.37 -0.47 -29.55
N ARG B 516 -1.59 -1.55 -29.43
CA ARG B 516 -0.88 -2.17 -30.59
C ARG B 516 -1.85 -2.85 -31.54
N ILE B 517 -2.92 -3.48 -31.02
CA ILE B 517 -3.91 -4.17 -31.89
C ILE B 517 -4.77 -3.12 -32.60
N VAL B 518 -5.26 -2.12 -31.87
CA VAL B 518 -6.17 -1.05 -32.39
C VAL B 518 -5.41 -0.25 -33.45
N GLU B 519 -4.22 0.25 -33.10
CA GLU B 519 -3.33 0.96 -34.03
C GLU B 519 -3.30 0.20 -35.36
N VAL B 520 -3.03 -1.12 -35.33
CA VAL B 520 -2.93 -1.92 -36.57
C VAL B 520 -4.31 -1.99 -37.24
N THR B 521 -5.39 -2.22 -36.49
CA THR B 521 -6.71 -2.50 -37.12
C THR B 521 -7.25 -1.23 -37.76
N VAL B 522 -7.00 -0.07 -37.13
CA VAL B 522 -7.40 1.26 -37.69
C VAL B 522 -6.65 1.47 -39.03
N MET B 523 -5.35 1.14 -39.06
CA MET B 523 -4.53 1.28 -40.28
C MET B 523 -5.06 0.30 -41.33
N CYS B 524 -5.37 -0.95 -40.94
CA CYS B 524 -5.99 -1.95 -41.86
C CYS B 524 -7.28 -1.37 -42.43
N GLY B 525 -8.06 -0.67 -41.60
CA GLY B 525 -9.32 -0.03 -42.01
C GLY B 525 -9.11 1.20 -42.91
N ARG B 526 -7.95 1.85 -42.83
CA ARG B 526 -7.66 2.97 -43.76
C ARG B 526 -7.05 2.40 -45.04
N ALA B 527 -6.42 1.24 -44.95
CA ALA B 527 -5.85 0.56 -46.14
C ALA B 527 -6.97 0.13 -47.09
N VAL B 528 -8.07 -0.41 -46.57
CA VAL B 528 -9.19 -0.91 -47.41
C VAL B 528 -9.90 0.29 -48.04
N VAL B 529 -10.22 1.28 -47.22
CA VAL B 529 -10.92 2.55 -47.64
C VAL B 529 -10.20 3.14 -48.86
N SER B 530 -8.87 3.02 -48.91
CA SER B 530 -7.99 3.54 -49.99
C SER B 530 -8.15 2.69 -51.25
N ARG B 531 -8.55 1.43 -51.08
CA ARG B 531 -8.85 0.50 -52.20
C ARG B 531 -10.16 0.88 -52.88
N TYR B 532 -10.89 1.90 -52.39
CA TYR B 532 -12.27 2.23 -52.85
C TYR B 532 -12.37 3.72 -53.20
#